data_5YO9
#
_entry.id   5YO9
#
_cell.length_a   75.135
_cell.length_b   106.942
_cell.length_c   109.959
_cell.angle_alpha   90.000
_cell.angle_beta   90.000
_cell.angle_gamma   90.000
#
_symmetry.space_group_name_H-M   'P 21 21 21'
#
loop_
_entity.id
_entity.type
_entity.pdbx_description
1 polymer '3-Oxoacyl-[acyl-carrier-(ACP)] synthase III C terminal family protein'
2 non-polymer GLYCEROL
3 non-polymer 'COENZYME A'
4 water water
#
_entity_poly.entity_id   1
_entity_poly.type   'polypeptide(L)'
_entity_poly.pdbx_seq_one_letter_code
;TSHMGIRITGTGLFHPTEIISNEELADSLNAYVEQYNQENAEKIAAGELEELRGSSAEFIEKASGIKRRYVIEKSGILDP
TRLRPRLSERSNDELSIQAEWGVIAAKQAMENAGVTAEDIDVVILACSNMQRAYPAVAIEIQSALGIQGYAYDMNVAASA
ATFGLKQAADAIRSGARRVLLVNVEITSGHLDYRNRDCHFIFGDVATASIIEETTTKTGFEILDIHLFTQFSNNIRNNFG
FLNRSEDAVVDDKLFRQDGRKVFKDVCPLVAKIINAQLEKMQLTANDIKRFWLHQANANMNELILKYVAGKDADLSRAPI
ILDEFANTSSAGVIIALHRTGHEVDDGEYGVISSFGAGYSVGSIVVQKHVA
;
_entity_poly.pdbx_strand_id   A,B
#
loop_
_chem_comp.id
_chem_comp.type
_chem_comp.name
_chem_comp.formula
COA non-polymer 'COENZYME A' 'C21 H36 N7 O16 P3 S'
GOL non-polymer GLYCEROL 'C3 H8 O3'
#
# COMPACT_ATOMS: atom_id res chain seq x y z
N THR A 1 10.61 27.21 -2.33
CA THR A 1 10.68 27.50 -3.75
C THR A 1 10.96 26.19 -4.49
N SER A 2 10.70 25.10 -3.78
CA SER A 2 10.79 23.75 -4.32
C SER A 2 9.54 23.33 -5.05
N HIS A 3 8.40 23.93 -4.72
CA HIS A 3 7.12 23.52 -5.28
C HIS A 3 6.34 24.73 -5.74
N MET A 4 7.03 25.65 -6.42
CA MET A 4 6.40 26.86 -6.93
C MET A 4 5.19 26.50 -7.77
N GLY A 5 4.06 27.11 -7.43
CA GLY A 5 2.84 26.86 -8.15
C GLY A 5 2.09 25.60 -7.79
N ILE A 6 2.59 24.77 -6.89
CA ILE A 6 1.95 23.49 -6.57
C ILE A 6 1.04 23.68 -5.36
N ARG A 7 -0.27 23.54 -5.57
CA ARG A 7 -1.26 23.95 -4.58
C ARG A 7 -2.33 22.89 -4.40
N ILE A 8 -2.79 22.73 -3.16
CA ILE A 8 -4.03 22.02 -2.87
C ILE A 8 -5.17 22.97 -3.19
N THR A 9 -5.96 22.65 -4.22
CA THR A 9 -6.99 23.55 -4.73
C THR A 9 -8.42 23.12 -4.40
N GLY A 10 -8.62 21.94 -3.86
CA GLY A 10 -9.95 21.52 -3.47
C GLY A 10 -9.85 20.35 -2.53
N THR A 11 -10.81 20.26 -1.60
CA THR A 11 -10.94 19.10 -0.75
C THR A 11 -12.40 18.63 -0.74
N GLY A 12 -12.58 17.38 -0.37
CA GLY A 12 -13.90 16.78 -0.33
C GLY A 12 -13.98 15.82 0.84
N LEU A 13 -15.19 15.65 1.35
CA LEU A 13 -15.40 14.96 2.62
C LEU A 13 -16.68 14.15 2.54
N PHE A 14 -16.57 12.87 2.89
CA PHE A 14 -17.72 12.00 3.05
C PHE A 14 -17.62 11.28 4.37
N HIS A 15 -18.73 11.22 5.10
CA HIS A 15 -18.84 10.36 6.26
C HIS A 15 -20.14 9.58 6.16
N PRO A 16 -20.21 8.38 6.73
CA PRO A 16 -21.48 7.67 6.77
C PRO A 16 -22.41 8.39 7.74
N THR A 17 -23.72 8.15 7.57
CA THR A 17 -24.71 8.97 8.26
C THR A 17 -24.85 8.62 9.75
N GLU A 18 -24.78 7.33 10.10
CA GLU A 18 -25.08 6.91 11.45
C GLU A 18 -23.98 7.34 12.42
N ILE A 19 -24.39 7.63 13.65
CA ILE A 19 -23.55 8.25 14.67
C ILE A 19 -23.59 7.41 15.94
N ILE A 20 -22.43 7.21 16.55
CA ILE A 20 -22.32 6.54 17.84
C ILE A 20 -21.78 7.55 18.83
N SER A 21 -22.61 7.97 19.78
CA SER A 21 -22.14 8.83 20.84
C SER A 21 -21.27 8.03 21.80
N ASN A 22 -20.43 8.76 22.54
CA ASN A 22 -19.64 8.14 23.60
C ASN A 22 -20.49 7.28 24.52
N GLU A 23 -21.75 7.66 24.75
CA GLU A 23 -22.61 6.93 25.69
C GLU A 23 -23.10 5.62 25.11
N GLU A 24 -23.58 5.62 23.87
CA GLU A 24 -24.01 4.37 23.23
C GLU A 24 -22.87 3.36 23.22
N LEU A 25 -21.65 3.83 22.98
CA LEU A 25 -20.50 2.94 22.85
C LEU A 25 -20.05 2.43 24.21
N ALA A 26 -19.90 3.35 25.18
CA ALA A 26 -19.52 2.93 26.53
C ALA A 26 -20.55 1.96 27.10
N ASP A 27 -21.83 2.20 26.84
CA ASP A 27 -22.86 1.23 27.23
C ASP A 27 -22.61 -0.12 26.58
N SER A 28 -22.30 -0.13 25.28
CA SER A 28 -22.12 -1.39 24.56
C SER A 28 -20.96 -2.19 25.12
N LEU A 29 -19.81 -1.55 25.32
CA LEU A 29 -18.69 -2.22 25.96
C LEU A 29 -19.07 -2.74 27.34
N ASN A 30 -19.84 -1.94 28.09
CA ASN A 30 -20.20 -2.32 29.46
C ASN A 30 -21.02 -3.61 29.47
N ALA A 31 -22.03 -3.69 28.61
CA ALA A 31 -22.77 -4.94 28.46
C ALA A 31 -21.82 -6.11 28.18
N TYR A 32 -20.95 -5.98 27.17
CA TYR A 32 -20.06 -7.09 26.83
C TYR A 32 -19.14 -7.43 27.98
N VAL A 33 -18.67 -6.43 28.73
CA VAL A 33 -17.77 -6.70 29.85
C VAL A 33 -18.52 -7.39 30.98
N GLU A 34 -19.78 -7.01 31.22
CA GLU A 34 -20.54 -7.62 32.31
C GLU A 34 -20.84 -9.09 32.02
N GLN A 35 -21.17 -9.42 30.77
CA GLN A 35 -21.44 -10.82 30.42
C GLN A 35 -20.17 -11.65 30.32
N TYR A 36 -19.06 -11.06 29.85
CA TYR A 36 -17.81 -11.80 29.86
C TYR A 36 -17.30 -12.00 31.27
N ASN A 37 -17.43 -10.98 32.12
CA ASN A 37 -16.86 -11.08 33.47
C ASN A 37 -17.64 -12.03 34.35
N GLN A 38 -18.87 -12.40 33.98
CA GLN A 38 -19.58 -13.44 34.73
C GLN A 38 -19.61 -14.78 34.01
N GLU A 39 -19.47 -14.80 32.69
CA GLU A 39 -19.28 -16.08 32.00
C GLU A 39 -18.01 -16.76 32.47
N ASN A 40 -16.94 -15.98 32.68
CA ASN A 40 -15.65 -16.49 33.11
C ASN A 40 -15.37 -16.15 34.57
N ALA A 41 -16.42 -16.14 35.40
CA ALA A 41 -16.24 -15.77 36.80
C ALA A 41 -15.50 -16.84 37.59
N GLU A 42 -15.65 -18.12 37.23
CA GLU A 42 -14.93 -19.17 37.91
C GLU A 42 -13.43 -19.05 37.68
N LYS A 43 -13.03 -18.50 36.54
CA LYS A 43 -11.62 -18.33 36.21
C LYS A 43 -11.12 -16.91 36.49
N ILE A 44 -12.02 -15.96 36.80
CA ILE A 44 -11.59 -14.65 37.24
C ILE A 44 -11.06 -14.71 38.66
N ALA A 45 -11.78 -15.41 39.55
CA ALA A 45 -11.30 -15.71 40.89
C ALA A 45 -10.37 -16.93 40.91
N ALA A 46 -9.51 -17.06 39.89
CA ALA A 46 -8.60 -18.20 39.80
C ALA A 46 -7.22 -17.81 39.30
N GLY A 47 -6.94 -16.53 39.12
CA GLY A 47 -5.63 -16.08 38.67
C GLY A 47 -5.29 -16.50 37.25
N GLU A 48 -6.13 -17.34 36.64
CA GLU A 48 -5.88 -17.85 35.30
C GLU A 48 -6.07 -16.75 34.27
N LEU A 49 -7.32 -16.38 33.99
CA LEU A 49 -7.59 -15.41 32.96
C LEU A 49 -7.94 -14.05 33.55
N GLU A 50 -7.53 -13.02 32.82
CA GLU A 50 -8.31 -11.82 32.52
C GLU A 50 -9.22 -11.24 33.60
N GLU A 51 -9.18 -9.92 33.74
CA GLU A 51 -10.19 -9.16 34.48
C GLU A 51 -10.53 -7.94 33.64
N LEU A 52 -11.79 -7.84 33.20
CA LEU A 52 -12.21 -6.84 32.23
C LEU A 52 -12.82 -5.63 32.93
N ARG A 53 -12.35 -4.44 32.57
CA ARG A 53 -12.95 -3.19 33.03
C ARG A 53 -13.84 -2.61 31.94
N GLY A 54 -14.85 -1.87 32.38
CA GLY A 54 -15.71 -1.11 31.48
C GLY A 54 -15.20 0.31 31.31
N SER A 55 -16.12 1.20 30.93
CA SER A 55 -15.77 2.59 30.73
C SER A 55 -17.05 3.40 30.72
N SER A 56 -16.91 4.72 30.58
CA SER A 56 -18.04 5.64 30.53
C SER A 56 -17.73 6.78 29.58
N ALA A 57 -18.79 7.46 29.16
CA ALA A 57 -18.64 8.58 28.23
C ALA A 57 -17.69 9.65 28.78
N GLU A 58 -17.72 9.89 30.10
CA GLU A 58 -16.86 10.94 30.64
C GLU A 58 -15.40 10.51 30.69
N PHE A 59 -15.14 9.20 30.80
CA PHE A 59 -13.76 8.72 30.75
C PHE A 59 -13.19 8.85 29.35
N ILE A 60 -14.02 8.65 28.33
CA ILE A 60 -13.57 8.80 26.94
C ILE A 60 -13.19 10.25 26.67
N GLU A 61 -14.12 11.18 26.95
CA GLU A 61 -13.93 12.58 26.61
C GLU A 61 -12.71 13.17 27.31
N LYS A 62 -12.41 12.73 28.52
CA LYS A 62 -11.27 13.29 29.24
C LYS A 62 -9.95 12.71 28.75
N ALA A 63 -9.95 11.47 28.25
CA ALA A 63 -8.74 10.89 27.70
C ALA A 63 -8.40 11.40 26.31
N SER A 64 -9.37 11.93 25.58
CA SER A 64 -9.24 12.10 24.14
C SER A 64 -9.75 13.44 23.61
N GLY A 65 -10.87 13.91 24.16
CA GLY A 65 -11.62 14.98 23.55
C GLY A 65 -12.67 14.52 22.57
N ILE A 66 -12.74 13.22 22.29
CA ILE A 66 -13.77 12.66 21.42
C ILE A 66 -15.12 12.74 22.12
N LYS A 67 -16.17 13.06 21.36
CA LYS A 67 -17.55 13.03 21.85
C LYS A 67 -18.41 12.00 21.12
N ARG A 68 -18.30 11.93 19.79
CA ARG A 68 -19.10 11.07 18.94
C ARG A 68 -18.23 10.58 17.79
N ARG A 69 -18.78 9.70 16.95
CA ARG A 69 -18.07 9.24 15.76
C ARG A 69 -19.08 8.71 14.75
N TYR A 70 -18.78 8.90 13.47
CA TYR A 70 -19.55 8.30 12.40
C TYR A 70 -19.06 6.88 12.12
N VAL A 71 -20.00 6.01 11.74
CA VAL A 71 -19.68 4.60 11.55
C VAL A 71 -20.45 4.07 10.34
N ILE A 72 -19.87 3.05 9.70
CA ILE A 72 -20.43 2.50 8.47
C ILE A 72 -21.77 1.80 8.73
N GLU A 73 -21.89 1.12 9.87
CA GLU A 73 -23.09 0.36 10.22
C GLU A 73 -23.14 0.27 11.74
N LYS A 74 -24.19 0.80 12.36
CA LYS A 74 -24.22 1.01 13.80
C LYS A 74 -24.70 -0.19 14.60
N SER A 75 -25.69 -0.94 14.08
CA SER A 75 -26.22 -2.09 14.80
C SER A 75 -25.11 -3.03 15.27
N GLY A 76 -24.35 -3.57 14.31
CA GLY A 76 -23.39 -4.62 14.64
C GLY A 76 -22.33 -4.16 15.63
N ILE A 77 -21.89 -2.91 15.50
CA ILE A 77 -20.86 -2.40 16.40
C ILE A 77 -21.37 -2.38 17.84
N LEU A 78 -22.57 -1.82 18.03
CA LEU A 78 -23.11 -1.64 19.38
C LEU A 78 -23.58 -2.96 20.00
N ASP A 79 -24.04 -3.89 19.17
CA ASP A 79 -24.47 -5.22 19.62
C ASP A 79 -23.35 -5.95 20.37
N PRO A 80 -23.55 -6.31 21.65
CA PRO A 80 -22.50 -7.02 22.39
C PRO A 80 -22.32 -8.46 21.96
N THR A 81 -23.26 -9.03 21.22
CA THR A 81 -23.10 -10.36 20.63
C THR A 81 -22.28 -10.34 19.34
N ARG A 82 -21.82 -9.15 18.89
CA ARG A 82 -21.08 -9.05 17.63
C ARG A 82 -19.87 -8.13 17.73
N LEU A 83 -20.10 -6.83 17.97
CA LEU A 83 -19.04 -5.84 18.12
C LEU A 83 -18.24 -5.65 16.83
N ARG A 84 -18.94 -5.60 15.70
CA ARG A 84 -18.35 -5.26 14.42
C ARG A 84 -19.47 -4.97 13.43
N PRO A 85 -19.26 -4.07 12.46
CA PRO A 85 -20.34 -3.69 11.56
C PRO A 85 -20.92 -4.89 10.84
N ARG A 86 -22.19 -4.77 10.47
CA ARG A 86 -22.89 -5.79 9.70
C ARG A 86 -22.84 -5.39 8.23
N LEU A 87 -21.84 -5.90 7.52
CA LEU A 87 -21.68 -5.61 6.11
C LEU A 87 -22.01 -6.85 5.30
N SER A 88 -22.17 -6.66 4.01
CA SER A 88 -22.47 -7.72 3.08
C SER A 88 -21.44 -7.71 1.96
N GLU A 89 -20.97 -8.90 1.57
CA GLU A 89 -20.10 -9.01 0.40
C GLU A 89 -20.81 -8.47 -0.82
N ARG A 90 -20.07 -7.71 -1.62
CA ARG A 90 -20.54 -7.21 -2.91
C ARG A 90 -19.95 -8.04 -4.03
N SER A 91 -20.65 -8.10 -5.16
CA SER A 91 -20.09 -8.80 -6.29
C SER A 91 -18.96 -7.98 -6.91
N ASN A 92 -18.18 -8.62 -7.78
CA ASN A 92 -17.07 -7.93 -8.42
C ASN A 92 -17.55 -6.79 -9.31
N ASP A 93 -18.79 -6.84 -9.81
CA ASP A 93 -19.29 -5.87 -10.77
C ASP A 93 -19.87 -4.62 -10.14
N GLU A 94 -19.93 -4.55 -8.82
CA GLU A 94 -20.32 -3.33 -8.13
C GLU A 94 -19.10 -2.66 -7.52
N LEU A 95 -19.21 -1.35 -7.28
CA LEU A 95 -18.20 -0.64 -6.52
C LEU A 95 -18.00 -1.29 -5.15
N SER A 96 -16.75 -1.60 -4.82
CA SER A 96 -16.48 -2.00 -3.45
C SER A 96 -16.82 -0.84 -2.51
N ILE A 97 -16.95 -1.15 -1.22
CA ILE A 97 -17.29 -0.10 -0.26
C ILE A 97 -16.20 0.97 -0.22
N GLN A 98 -14.93 0.54 -0.23
CA GLN A 98 -13.84 1.51 -0.15
C GLN A 98 -13.81 2.39 -1.40
N ALA A 99 -13.95 1.78 -2.58
CA ALA A 99 -14.07 2.58 -3.80
C ALA A 99 -15.28 3.51 -3.74
N GLU A 100 -16.39 3.02 -3.20
CA GLU A 100 -17.62 3.84 -3.20
C GLU A 100 -17.42 5.11 -2.39
N TRP A 101 -16.88 4.99 -1.17
CA TRP A 101 -16.65 6.19 -0.36
C TRP A 101 -15.64 7.11 -1.02
N GLY A 102 -14.56 6.53 -1.58
CA GLY A 102 -13.55 7.34 -2.22
C GLY A 102 -14.12 8.17 -3.35
N VAL A 103 -15.00 7.58 -4.14
CA VAL A 103 -15.59 8.30 -5.27
C VAL A 103 -16.44 9.47 -4.78
N ILE A 104 -17.18 9.27 -3.68
CA ILE A 104 -18.05 10.34 -3.18
C ILE A 104 -17.21 11.54 -2.77
N ALA A 105 -16.17 11.30 -1.96
CA ALA A 105 -15.30 12.39 -1.54
C ALA A 105 -14.55 12.98 -2.72
N ALA A 106 -14.20 12.16 -3.71
CA ALA A 106 -13.42 12.65 -4.85
C ALA A 106 -14.25 13.62 -5.71
N LYS A 107 -15.51 13.27 -5.98
CA LYS A 107 -16.38 14.16 -6.76
C LYS A 107 -16.52 15.52 -6.09
N GLN A 108 -16.61 15.54 -4.77
CA GLN A 108 -16.70 16.81 -4.07
C GLN A 108 -15.42 17.63 -4.22
N ALA A 109 -14.25 17.01 -4.02
CA ALA A 109 -13.00 17.76 -4.13
C ALA A 109 -12.80 18.28 -5.54
N MET A 110 -13.15 17.45 -6.54
CA MET A 110 -13.07 17.88 -7.93
C MET A 110 -13.98 19.08 -8.22
N GLU A 111 -15.22 19.03 -7.72
CA GLU A 111 -16.13 20.17 -7.89
C GLU A 111 -15.58 21.41 -7.22
N ASN A 112 -15.10 21.26 -5.99
CA ASN A 112 -14.50 22.39 -5.28
C ASN A 112 -13.28 22.94 -6.00
N ALA A 113 -12.49 22.08 -6.66
CA ALA A 113 -11.33 22.53 -7.42
C ALA A 113 -11.69 23.04 -8.81
N GLY A 114 -12.91 22.79 -9.28
CA GLY A 114 -13.31 23.17 -10.62
C GLY A 114 -12.67 22.35 -11.72
N VAL A 115 -12.50 21.04 -11.49
CA VAL A 115 -11.84 20.16 -12.43
C VAL A 115 -12.76 18.97 -12.71
N THR A 116 -12.53 18.34 -13.86
CA THR A 116 -13.26 17.12 -14.20
C THR A 116 -12.25 16.00 -14.41
N ALA A 117 -12.77 14.79 -14.67
CA ALA A 117 -11.91 13.63 -14.82
C ALA A 117 -10.77 13.87 -15.81
N GLU A 118 -11.05 14.57 -16.92
CA GLU A 118 -10.06 14.73 -17.99
C GLU A 118 -8.86 15.53 -17.57
N ASP A 119 -8.99 16.35 -16.51
CA ASP A 119 -7.94 17.20 -15.97
C ASP A 119 -6.98 16.45 -15.04
N ILE A 120 -7.26 15.21 -14.67
CA ILE A 120 -6.48 14.48 -13.65
C ILE A 120 -5.57 13.46 -14.32
N ASP A 121 -4.32 13.38 -13.84
CA ASP A 121 -3.33 12.44 -14.37
C ASP A 121 -3.01 11.26 -13.45
N VAL A 122 -3.17 11.43 -12.14
CA VAL A 122 -2.74 10.44 -11.14
C VAL A 122 -3.80 10.33 -10.07
N VAL A 123 -4.11 9.11 -9.66
CA VAL A 123 -4.96 8.85 -8.50
C VAL A 123 -4.14 8.08 -7.47
N ILE A 124 -4.07 8.61 -6.24
CA ILE A 124 -3.41 7.92 -5.13
C ILE A 124 -4.44 7.62 -4.04
N LEU A 125 -4.62 6.35 -3.73
CA LEU A 125 -5.31 5.95 -2.50
C LEU A 125 -4.28 5.75 -1.38
N ALA A 126 -4.34 6.61 -0.38
CA ALA A 126 -3.38 6.63 0.73
C ALA A 126 -4.16 6.53 2.04
N CYS A 127 -4.15 5.35 2.67
CA CYS A 127 -4.79 5.22 3.96
C CYS A 127 -4.16 4.05 4.73
N SER A 128 -4.71 3.80 5.91
CA SER A 128 -4.09 2.86 6.85
C SER A 128 -4.50 1.42 6.60
N ASN A 129 -5.50 1.17 5.75
CA ASN A 129 -5.90 -0.20 5.47
C ASN A 129 -6.65 -0.25 4.14
N MET A 130 -6.25 -1.19 3.28
CA MET A 130 -6.84 -1.42 1.96
C MET A 130 -7.77 -2.63 2.01
N GLN A 131 -8.89 -2.52 1.29
CA GLN A 131 -9.94 -3.54 1.33
C GLN A 131 -9.52 -4.85 0.68
N ARG A 132 -8.58 -4.81 -0.27
CA ARG A 132 -8.07 -6.00 -0.93
C ARG A 132 -6.70 -5.64 -1.51
N ALA A 133 -5.98 -6.68 -1.96
CA ALA A 133 -4.62 -6.51 -2.47
C ALA A 133 -4.59 -6.09 -3.95
N TYR A 134 -5.33 -6.77 -4.81
CA TYR A 134 -5.38 -6.43 -6.24
C TYR A 134 -6.73 -6.85 -6.77
N PRO A 135 -7.25 -6.15 -7.80
CA PRO A 135 -6.66 -4.94 -8.37
C PRO A 135 -6.70 -3.80 -7.37
N ALA A 136 -5.73 -2.87 -7.44
CA ALA A 136 -5.67 -1.75 -6.50
C ALA A 136 -7.01 -1.01 -6.43
N VAL A 137 -7.44 -0.69 -5.20
CA VAL A 137 -8.65 0.08 -5.01
C VAL A 137 -8.52 1.46 -5.64
N ALA A 138 -7.30 2.04 -5.65
CA ALA A 138 -7.11 3.32 -6.33
C ALA A 138 -7.43 3.22 -7.82
N ILE A 139 -7.09 2.09 -8.46
CA ILE A 139 -7.43 1.91 -9.88
C ILE A 139 -8.93 1.79 -10.05
N GLU A 140 -9.60 1.08 -9.14
CA GLU A 140 -11.06 1.02 -9.15
C GLU A 140 -11.68 2.42 -9.04
N ILE A 141 -11.10 3.28 -8.22
CA ILE A 141 -11.60 4.65 -8.09
C ILE A 141 -11.35 5.43 -9.38
N GLN A 142 -10.12 5.36 -9.90
CA GLN A 142 -9.79 6.00 -11.17
C GLN A 142 -10.80 5.64 -12.24
N SER A 143 -11.11 4.35 -12.36
CA SER A 143 -12.01 3.90 -13.41
C SER A 143 -13.43 4.39 -13.16
N ALA A 144 -13.87 4.39 -11.90
CA ALA A 144 -15.22 4.84 -11.58
C ALA A 144 -15.41 6.31 -11.95
N LEU A 145 -14.38 7.13 -11.71
CA LEU A 145 -14.45 8.54 -12.06
C LEU A 145 -14.15 8.79 -13.54
N GLY A 146 -13.74 7.77 -14.30
CA GLY A 146 -13.39 7.99 -15.69
C GLY A 146 -12.03 8.62 -15.91
N ILE A 147 -11.15 8.57 -14.92
CA ILE A 147 -9.85 9.22 -15.02
C ILE A 147 -8.91 8.34 -15.85
N GLN A 148 -8.10 8.97 -16.69
CA GLN A 148 -7.04 8.30 -17.43
C GLN A 148 -5.69 8.69 -16.85
N GLY A 149 -4.69 7.84 -17.07
CA GLY A 149 -3.41 7.98 -16.40
C GLY A 149 -3.11 6.72 -15.62
N TYR A 150 -2.64 6.89 -14.39
CA TYR A 150 -2.28 5.75 -13.57
C TYR A 150 -2.68 6.03 -12.12
N ALA A 151 -2.73 4.97 -11.32
CA ALA A 151 -3.18 5.03 -9.94
C ALA A 151 -2.48 3.93 -9.16
N TYR A 152 -2.34 4.14 -7.85
CA TYR A 152 -1.75 3.10 -6.99
C TYR A 152 -2.21 3.30 -5.56
N ASP A 153 -2.11 2.23 -4.76
CA ASP A 153 -2.40 2.23 -3.33
C ASP A 153 -1.13 2.43 -2.51
N MET A 154 -1.23 3.21 -1.43
CA MET A 154 -0.08 3.55 -0.60
C MET A 154 -0.50 3.60 0.87
N ASN A 155 0.30 2.97 1.73
CA ASN A 155 -0.06 2.79 3.14
C ASN A 155 1.12 3.20 3.99
N VAL A 156 0.93 4.23 4.81
CA VAL A 156 1.84 4.53 5.91
C VAL A 156 0.93 5.05 7.03
N ALA A 157 -0.22 4.41 7.17
CA ALA A 157 -1.12 4.59 8.31
C ALA A 157 -1.45 6.06 8.57
N ALA A 158 -1.12 6.53 9.78
CA ALA A 158 -1.57 7.84 10.25
C ALA A 158 -1.07 8.98 9.37
N SER A 159 0.09 8.80 8.75
CA SER A 159 0.67 9.85 7.95
C SER A 159 0.44 9.67 6.46
N ALA A 160 -0.49 8.81 6.08
CA ALA A 160 -0.64 8.51 4.66
C ALA A 160 -1.04 9.74 3.85
N ALA A 161 -1.80 10.70 4.44
CA ALA A 161 -2.22 11.85 3.66
C ALA A 161 -1.05 12.78 3.37
N THR A 162 -0.21 13.02 4.38
CA THR A 162 0.92 13.93 4.18
C THR A 162 2.00 13.27 3.32
N PHE A 163 2.24 11.97 3.50
CA PHE A 163 3.15 11.27 2.59
C PHE A 163 2.62 11.31 1.17
N GLY A 164 1.30 11.10 1.02
CA GLY A 164 0.68 11.15 -0.29
C GLY A 164 0.74 12.53 -0.93
N LEU A 165 0.62 13.59 -0.12
CA LEU A 165 0.73 14.95 -0.65
C LEU A 165 2.11 15.19 -1.23
N LYS A 166 3.16 14.74 -0.53
CA LYS A 166 4.52 14.81 -1.07
C LYS A 166 4.63 14.01 -2.36
N GLN A 167 4.14 12.78 -2.37
CA GLN A 167 4.20 12.01 -3.61
C GLN A 167 3.44 12.72 -4.73
N ALA A 168 2.33 13.38 -4.39
CA ALA A 168 1.58 14.16 -5.39
C ALA A 168 2.42 15.31 -5.90
N ALA A 169 3.00 16.07 -4.98
CA ALA A 169 3.78 17.23 -5.39
C ALA A 169 4.99 16.78 -6.22
N ASP A 170 5.60 15.65 -5.85
CA ASP A 170 6.73 15.12 -6.62
C ASP A 170 6.30 14.73 -8.03
N ALA A 171 5.14 14.10 -8.18
CA ALA A 171 4.72 13.68 -9.51
C ALA A 171 4.42 14.90 -10.38
N ILE A 172 3.80 15.94 -9.79
CA ILE A 172 3.55 17.16 -10.54
C ILE A 172 4.87 17.82 -10.95
N ARG A 173 5.83 17.90 -10.01
CA ARG A 173 7.14 18.44 -10.37
C ARG A 173 7.71 17.76 -11.60
N SER A 174 7.57 16.43 -11.70
CA SER A 174 8.09 15.69 -12.85
C SER A 174 7.17 15.69 -14.05
N GLY A 175 6.01 16.35 -14.01
CA GLY A 175 5.21 16.43 -15.21
C GLY A 175 3.74 16.16 -15.11
N ALA A 176 3.26 15.57 -14.00
CA ALA A 176 1.82 15.42 -13.83
C ALA A 176 1.16 16.80 -13.76
N ARG A 177 -0.02 16.94 -14.38
CA ARG A 177 -0.76 18.20 -14.25
C ARG A 177 -1.50 18.26 -12.91
N ARG A 178 -2.28 17.23 -12.59
CA ARG A 178 -3.11 17.26 -11.40
C ARG A 178 -3.17 15.86 -10.82
N VAL A 179 -3.28 15.78 -9.50
CA VAL A 179 -3.31 14.51 -8.80
C VAL A 179 -4.55 14.47 -7.93
N LEU A 180 -5.24 13.34 -7.92
CA LEU A 180 -6.32 13.10 -6.96
C LEU A 180 -5.80 12.23 -5.84
N LEU A 181 -5.78 12.77 -4.62
CA LEU A 181 -5.34 12.05 -3.45
C LEU A 181 -6.55 11.70 -2.59
N VAL A 182 -6.78 10.40 -2.36
CA VAL A 182 -7.97 9.91 -1.67
C VAL A 182 -7.54 9.21 -0.38
N ASN A 183 -8.29 9.41 0.70
CA ASN A 183 -8.07 8.71 1.97
C ASN A 183 -9.39 8.12 2.44
N VAL A 184 -9.51 6.79 2.40
CA VAL A 184 -10.71 6.10 2.86
C VAL A 184 -10.35 5.31 4.12
N GLU A 185 -10.90 5.72 5.25
CA GLU A 185 -10.64 5.09 6.54
C GLU A 185 -11.92 4.46 7.05
N ILE A 186 -12.03 3.14 6.94
CA ILE A 186 -13.11 2.39 7.57
C ILE A 186 -12.53 1.73 8.81
N THR A 187 -12.16 2.55 9.78
CA THR A 187 -11.45 2.06 10.96
C THR A 187 -12.28 1.07 11.77
N SER A 188 -13.61 1.14 11.66
CA SER A 188 -14.45 0.19 12.37
C SER A 188 -14.23 -1.24 11.90
N GLY A 189 -13.47 -1.42 10.81
CA GLY A 189 -13.19 -2.76 10.31
C GLY A 189 -12.01 -3.43 10.96
N HIS A 190 -11.14 -2.67 11.63
CA HIS A 190 -10.00 -3.27 12.31
C HIS A 190 -9.88 -2.78 13.76
N LEU A 191 -10.94 -2.19 14.30
CA LEU A 191 -11.00 -1.75 15.68
C LEU A 191 -11.41 -2.90 16.59
N ASP A 192 -10.74 -3.02 17.74
CA ASP A 192 -11.10 -4.00 18.74
C ASP A 192 -12.08 -3.34 19.71
N TYR A 193 -13.37 -3.56 19.48
CA TYR A 193 -14.41 -2.92 20.29
C TYR A 193 -14.58 -3.57 21.68
N ARG A 194 -13.75 -4.56 22.02
CA ARG A 194 -13.76 -5.18 23.33
C ARG A 194 -12.84 -4.48 24.32
N ASN A 195 -11.83 -3.76 23.84
CA ASN A 195 -10.82 -3.18 24.72
C ASN A 195 -11.23 -1.77 25.13
N ARG A 196 -11.28 -1.54 26.44
CA ARG A 196 -11.69 -0.25 26.97
C ARG A 196 -10.75 0.87 26.56
N ASP A 197 -9.46 0.56 26.37
CA ASP A 197 -8.45 1.58 26.12
C ASP A 197 -8.43 2.09 24.68
N CYS A 198 -9.02 1.35 23.73
CA CYS A 198 -8.96 1.74 22.33
C CYS A 198 -10.28 1.69 21.58
N HIS A 199 -11.36 1.19 22.18
CA HIS A 199 -12.58 0.97 21.42
C HIS A 199 -13.25 2.28 20.99
N PHE A 200 -12.88 3.39 21.60
CA PHE A 200 -13.49 4.69 21.32
C PHE A 200 -12.66 5.54 20.36
N ILE A 201 -11.46 5.10 20.00
CA ILE A 201 -10.48 6.04 19.44
C ILE A 201 -10.87 6.44 18.02
N PHE A 202 -11.37 5.50 17.22
CA PHE A 202 -11.46 5.70 15.78
C PHE A 202 -12.90 5.88 15.29
N GLY A 203 -13.04 6.66 14.19
CA GLY A 203 -14.28 6.74 13.45
C GLY A 203 -14.04 6.58 11.95
N ASP A 204 -15.14 6.51 11.22
CA ASP A 204 -15.15 6.26 9.78
C ASP A 204 -15.29 7.55 8.97
N VAL A 205 -14.63 7.57 7.80
CA VAL A 205 -14.67 8.74 6.93
C VAL A 205 -13.92 8.48 5.62
N ALA A 206 -14.23 9.29 4.59
CA ALA A 206 -13.43 9.39 3.37
C ALA A 206 -13.14 10.86 3.09
N THR A 207 -11.88 11.17 2.76
CA THR A 207 -11.45 12.49 2.35
C THR A 207 -10.78 12.42 0.98
N ALA A 208 -10.73 13.56 0.30
CA ALA A 208 -10.08 13.65 -0.99
C ALA A 208 -9.51 15.05 -1.17
N SER A 209 -8.44 15.14 -1.96
CA SER A 209 -7.76 16.40 -2.23
C SER A 209 -7.38 16.43 -3.70
N ILE A 210 -7.37 17.64 -4.26
CA ILE A 210 -6.88 17.87 -5.62
C ILE A 210 -5.63 18.73 -5.49
N ILE A 211 -4.52 18.25 -6.07
CA ILE A 211 -3.26 18.96 -6.07
C ILE A 211 -2.92 19.28 -7.52
N GLU A 212 -2.61 20.55 -7.80
CA GLU A 212 -2.37 21.00 -9.17
C GLU A 212 -1.24 22.00 -9.18
N GLU A 213 -0.59 22.10 -10.35
CA GLU A 213 0.34 23.20 -10.63
C GLU A 213 -0.44 24.36 -11.24
N THR A 214 -0.44 25.50 -10.57
CA THR A 214 -1.30 26.59 -11.03
C THR A 214 -0.79 27.93 -10.52
N THR A 215 -1.02 28.96 -11.33
CA THR A 215 -0.72 30.33 -10.94
C THR A 215 -1.98 31.17 -10.89
N THR A 216 -3.15 30.53 -10.99
CA THR A 216 -4.41 31.24 -11.17
C THR A 216 -5.55 30.72 -10.29
N LYS A 217 -5.35 29.65 -9.54
CA LYS A 217 -6.41 29.09 -8.70
C LYS A 217 -6.12 29.37 -7.24
N THR A 218 -7.18 29.58 -6.47
CA THR A 218 -7.07 29.65 -5.03
C THR A 218 -6.64 28.29 -4.49
N GLY A 219 -5.76 28.28 -3.50
CA GLY A 219 -5.33 27.03 -2.90
C GLY A 219 -4.17 27.25 -1.95
N PHE A 220 -3.70 26.15 -1.37
CA PHE A 220 -2.59 26.19 -0.42
C PHE A 220 -1.32 25.76 -1.13
N GLU A 221 -0.40 26.69 -1.31
CA GLU A 221 0.87 26.40 -1.96
C GLU A 221 1.78 25.64 -1.02
N ILE A 222 2.31 24.52 -1.49
CA ILE A 222 3.20 23.70 -0.66
C ILE A 222 4.57 24.36 -0.63
N LEU A 223 5.07 24.64 0.58
CA LEU A 223 6.34 25.34 0.75
C LEU A 223 7.47 24.46 1.25
N ASP A 224 7.19 23.46 2.08
CA ASP A 224 8.25 22.60 2.60
C ASP A 224 7.59 21.36 3.17
N ILE A 225 8.27 20.21 3.02
CA ILE A 225 7.75 18.93 3.49
C ILE A 225 8.87 18.18 4.21
N HIS A 226 8.56 17.70 5.41
CA HIS A 226 9.47 16.85 6.17
C HIS A 226 8.70 15.61 6.57
N LEU A 227 9.09 14.48 6.00
CA LEU A 227 8.56 13.17 6.34
C LEU A 227 9.59 12.41 7.16
N PHE A 228 9.09 11.60 8.09
CA PHE A 228 9.94 10.90 9.05
C PHE A 228 9.23 9.62 9.46
N THR A 229 9.98 8.51 9.52
CA THR A 229 9.48 7.27 10.09
C THR A 229 10.55 6.64 10.98
N GLN A 230 10.11 5.93 12.00
CA GLN A 230 11.02 5.29 12.95
C GLN A 230 10.24 4.15 13.58
N PHE A 231 10.66 2.93 13.27
CA PHE A 231 9.89 1.73 13.59
C PHE A 231 9.55 1.67 15.07
N SER A 232 8.29 1.36 15.35
CA SER A 232 7.84 1.18 16.73
C SER A 232 6.72 0.17 16.72
N ASN A 233 6.74 -0.72 17.71
CA ASN A 233 5.68 -1.69 17.88
C ASN A 233 4.58 -1.20 18.79
N ASN A 234 4.64 0.05 19.23
CA ASN A 234 3.64 0.53 20.18
C ASN A 234 2.27 0.72 19.54
N ILE A 235 2.17 0.71 18.21
CA ILE A 235 0.90 0.60 17.51
C ILE A 235 1.07 -0.42 16.39
N ARG A 236 0.16 -1.39 16.33
CA ARG A 236 0.41 -2.57 15.50
C ARG A 236 -0.88 -3.37 15.32
N ASN A 237 -1.01 -3.99 14.15
CA ASN A 237 -2.13 -4.88 13.81
C ASN A 237 -1.57 -5.96 12.91
N ASN A 238 -1.67 -7.23 13.34
CA ASN A 238 -0.98 -8.33 12.68
C ASN A 238 -1.86 -9.09 11.70
N PHE A 239 -3.08 -8.64 11.46
CA PHE A 239 -3.91 -9.27 10.44
C PHE A 239 -3.23 -9.19 9.07
N GLY A 240 -3.30 -10.26 8.30
CA GLY A 240 -2.73 -10.24 6.97
C GLY A 240 -2.91 -11.56 6.25
N PHE A 241 -2.46 -11.57 4.99
CA PHE A 241 -2.72 -12.70 4.10
C PHE A 241 -1.92 -13.94 4.46
N LEU A 242 -0.89 -13.81 5.28
CA LEU A 242 -0.13 -14.98 5.73
C LEU A 242 -0.71 -15.62 6.99
N ASN A 243 -1.71 -15.00 7.62
CA ASN A 243 -2.28 -15.57 8.84
C ASN A 243 -2.76 -17.01 8.60
N ARG A 244 -3.45 -17.24 7.48
CA ARG A 244 -3.98 -18.55 7.18
C ARG A 244 -2.88 -19.61 7.07
N SER A 245 -1.71 -19.23 6.56
CA SER A 245 -0.62 -20.20 6.47
C SER A 245 0.10 -20.38 7.79
N GLU A 246 0.12 -19.34 8.64
CA GLU A 246 0.62 -19.43 10.00
C GLU A 246 -0.31 -20.21 10.92
N ASP A 247 -1.49 -20.59 10.43
CA ASP A 247 -2.58 -21.10 11.28
C ASP A 247 -2.67 -20.28 12.56
N ALA A 248 -2.73 -18.96 12.37
CA ALA A 248 -2.54 -18.02 13.45
C ALA A 248 -3.63 -18.14 14.52
N VAL A 249 -3.24 -17.90 15.77
CA VAL A 249 -4.15 -18.05 16.91
C VAL A 249 -4.05 -16.84 17.83
N VAL A 250 -2.90 -16.15 17.83
CA VAL A 250 -2.70 -15.02 18.72
C VAL A 250 -3.75 -13.96 18.43
N ASP A 251 -4.45 -13.51 19.47
CA ASP A 251 -5.54 -12.55 19.34
C ASP A 251 -4.96 -11.12 19.26
N ASP A 252 -4.28 -10.87 18.15
CA ASP A 252 -3.66 -9.56 17.88
C ASP A 252 -3.91 -9.10 16.44
N LYS A 253 -4.95 -9.62 15.79
CA LYS A 253 -5.30 -9.26 14.42
C LYS A 253 -6.25 -8.09 14.35
N LEU A 254 -6.13 -7.16 15.28
CA LEU A 254 -6.89 -5.92 15.29
C LEU A 254 -5.98 -4.80 15.77
N PHE A 255 -6.52 -3.60 15.81
CA PHE A 255 -5.78 -2.48 16.38
C PHE A 255 -5.32 -2.84 17.80
N ARG A 256 -4.08 -2.47 18.13
CA ARG A 256 -3.50 -2.67 19.43
C ARG A 256 -2.52 -1.53 19.67
N GLN A 257 -2.42 -1.08 20.91
CA GLN A 257 -1.64 0.11 21.20
C GLN A 257 -1.23 0.15 22.67
N ASP A 258 -0.05 0.70 22.93
CA ASP A 258 0.38 1.13 24.26
C ASP A 258 0.34 2.66 24.25
N GLY A 259 -0.85 3.20 24.54
CA GLY A 259 -1.09 4.63 24.36
C GLY A 259 -0.18 5.53 25.18
N ARG A 260 0.23 5.06 26.36
CA ARG A 260 1.12 5.87 27.19
C ARG A 260 2.49 6.04 26.53
N LYS A 261 3.06 4.94 26.05
CA LYS A 261 4.34 5.05 25.35
C LYS A 261 4.23 5.90 24.09
N VAL A 262 3.11 5.78 23.36
CA VAL A 262 2.90 6.62 22.18
C VAL A 262 2.87 8.09 22.58
N PHE A 263 2.07 8.43 23.60
CA PHE A 263 2.02 9.79 24.11
C PHE A 263 3.41 10.33 24.40
N LYS A 264 4.20 9.60 25.20
CA LYS A 264 5.52 10.08 25.58
C LYS A 264 6.47 10.15 24.39
N ASP A 265 6.35 9.24 23.42
CA ASP A 265 7.25 9.24 22.28
C ASP A 265 6.92 10.32 21.26
N VAL A 266 5.64 10.50 20.96
CA VAL A 266 5.25 11.20 19.72
C VAL A 266 5.23 12.72 19.91
N CYS A 267 4.73 13.22 21.06
CA CYS A 267 4.62 14.68 21.23
C CYS A 267 5.95 15.39 21.11
N PRO A 268 7.06 14.96 21.74
CA PRO A 268 8.34 15.67 21.53
C PRO A 268 8.86 15.57 20.11
N LEU A 269 8.69 14.43 19.46
CA LEU A 269 9.14 14.29 18.08
C LEU A 269 8.43 15.29 17.17
N VAL A 270 7.10 15.32 17.24
CA VAL A 270 6.31 16.20 16.38
C VAL A 270 6.70 17.65 16.61
N ALA A 271 6.80 18.06 17.88
CA ALA A 271 7.16 19.44 18.19
C ALA A 271 8.54 19.80 17.65
N LYS A 272 9.50 18.88 17.79
CA LYS A 272 10.83 19.08 17.23
C LYS A 272 10.78 19.24 15.72
N ILE A 273 10.01 18.38 15.04
CA ILE A 273 9.88 18.47 13.58
C ILE A 273 9.38 19.86 13.18
N ILE A 274 8.22 20.26 13.72
CA ILE A 274 7.59 21.52 13.30
C ILE A 274 8.52 22.70 13.58
N ASN A 275 9.10 22.75 14.78
CA ASN A 275 9.96 23.88 15.13
C ASN A 275 11.18 23.97 14.22
N ALA A 276 11.84 22.84 13.96
CA ALA A 276 12.96 22.88 13.00
C ALA A 276 12.46 23.31 11.63
N GLN A 277 11.26 22.87 11.25
CA GLN A 277 10.70 23.29 9.97
C GLN A 277 10.47 24.81 9.93
N LEU A 278 9.92 25.36 11.01
CA LEU A 278 9.69 26.81 11.07
C LEU A 278 11.01 27.58 10.97
N GLU A 279 12.01 27.16 11.75
CA GLU A 279 13.32 27.81 11.67
C GLU A 279 13.90 27.71 10.26
N LYS A 280 13.77 26.54 9.62
CA LYS A 280 14.26 26.40 8.25
C LYS A 280 13.61 27.41 7.32
N MET A 281 12.30 27.60 7.44
CA MET A 281 11.59 28.57 6.61
C MET A 281 11.77 30.00 7.09
N GLN A 282 12.47 30.23 8.20
CA GLN A 282 12.55 31.55 8.84
C GLN A 282 11.15 32.10 9.13
N LEU A 283 10.28 31.24 9.62
CA LEU A 283 9.00 31.65 10.17
C LEU A 283 9.05 31.45 11.68
N THR A 284 8.38 32.34 12.40
CA THR A 284 8.11 32.08 13.81
C THR A 284 6.77 31.40 13.92
N ALA A 285 6.49 30.87 15.11
CA ALA A 285 5.19 30.24 15.33
C ALA A 285 4.08 31.27 15.15
N ASN A 286 4.33 32.51 15.54
CA ASN A 286 3.32 33.56 15.42
C ASN A 286 2.96 33.83 13.97
N ASP A 287 3.82 33.42 13.03
CA ASP A 287 3.51 33.55 11.63
C ASP A 287 2.53 32.50 11.13
N ILE A 288 2.14 31.54 11.95
CA ILE A 288 1.30 30.43 11.50
C ILE A 288 -0.14 30.69 11.90
N LYS A 289 -1.00 30.89 10.90
CA LYS A 289 -2.43 31.17 11.14
C LYS A 289 -3.18 29.92 11.62
N ARG A 290 -2.86 28.74 11.07
CA ARG A 290 -3.54 27.51 11.44
C ARG A 290 -2.56 26.35 11.47
N PHE A 291 -2.62 25.57 12.55
CA PHE A 291 -1.99 24.27 12.65
C PHE A 291 -3.09 23.24 12.47
N TRP A 292 -3.02 22.48 11.38
CA TRP A 292 -3.92 21.37 11.12
C TRP A 292 -3.20 20.11 11.57
N LEU A 293 -3.36 19.77 12.84
CA LEU A 293 -2.66 18.67 13.46
C LEU A 293 -3.45 17.38 13.29
N HIS A 294 -2.75 16.25 13.47
CA HIS A 294 -3.39 14.94 13.49
C HIS A 294 -4.55 15.00 14.45
N GLN A 295 -5.63 14.28 14.13
CA GLN A 295 -6.88 14.42 14.86
C GLN A 295 -7.20 13.15 15.64
N ALA A 296 -6.37 12.84 16.63
CA ALA A 296 -6.52 11.63 17.46
C ALA A 296 -6.81 11.92 18.92
N ASN A 297 -6.10 12.89 19.51
CA ASN A 297 -6.17 13.13 20.95
C ASN A 297 -5.96 14.62 21.19
N ALA A 298 -7.01 15.30 21.66
CA ALA A 298 -6.89 16.72 21.94
C ALA A 298 -5.81 17.00 22.98
N ASN A 299 -5.55 16.04 23.87
CA ASN A 299 -4.52 16.24 24.89
C ASN A 299 -3.13 16.19 24.29
N MET A 300 -2.93 15.43 23.21
CA MET A 300 -1.65 15.48 22.52
C MET A 300 -1.51 16.81 21.79
N ASN A 301 -2.56 17.20 21.06
CA ASN A 301 -2.51 18.41 20.25
C ASN A 301 -2.28 19.65 21.10
N GLU A 302 -2.89 19.72 22.28
CA GLU A 302 -2.66 20.86 23.15
C GLU A 302 -1.21 20.94 23.60
N LEU A 303 -0.61 19.81 23.94
CA LEU A 303 0.80 19.77 24.33
C LEU A 303 1.69 20.28 23.19
N ILE A 304 1.54 19.66 22.02
CA ILE A 304 2.31 20.06 20.85
C ILE A 304 2.11 21.54 20.56
N LEU A 305 0.85 21.99 20.56
CA LEU A 305 0.57 23.39 20.26
C LEU A 305 1.29 24.32 21.21
N LYS A 306 1.37 23.96 22.50
CA LYS A 306 2.10 24.76 23.47
C LYS A 306 3.61 24.66 23.25
N TYR A 307 4.11 23.46 22.94
CA TYR A 307 5.53 23.29 22.65
C TYR A 307 5.95 24.15 21.46
N VAL A 308 5.10 24.27 20.46
CA VAL A 308 5.45 24.98 19.23
C VAL A 308 5.07 26.46 19.31
N ALA A 309 3.84 26.78 19.72
CA ALA A 309 3.31 28.14 19.60
C ALA A 309 3.21 28.90 20.93
N GLY A 310 3.51 28.26 22.05
CA GLY A 310 3.45 28.96 23.31
C GLY A 310 2.23 28.57 24.12
N LYS A 311 2.37 28.66 25.45
CA LYS A 311 1.25 28.37 26.34
C LYS A 311 0.02 29.21 26.04
N ASP A 312 0.20 30.41 25.48
CA ASP A 312 -0.92 31.33 25.27
C ASP A 312 -1.44 31.30 23.84
N ALA A 313 -1.22 30.23 23.09
CA ALA A 313 -1.72 30.14 21.73
C ALA A 313 -3.24 30.05 21.74
N ASP A 314 -3.89 30.86 20.91
CA ASP A 314 -5.35 30.82 20.88
C ASP A 314 -5.83 29.53 20.24
N LEU A 315 -6.86 28.94 20.84
CA LEU A 315 -7.32 27.62 20.41
C LEU A 315 -7.81 27.61 18.96
N SER A 316 -8.29 28.74 18.45
CA SER A 316 -8.75 28.76 17.06
C SER A 316 -7.63 28.47 16.05
N ARG A 317 -6.37 28.50 16.49
CA ARG A 317 -5.25 28.31 15.59
C ARG A 317 -4.89 26.83 15.37
N ALA A 318 -5.54 25.93 16.10
CA ALA A 318 -5.31 24.50 15.99
C ALA A 318 -6.65 23.81 16.01
N PRO A 319 -7.44 23.94 14.94
CA PRO A 319 -8.80 23.40 14.92
C PRO A 319 -8.85 21.92 15.29
N ILE A 320 -9.90 21.58 16.04
CA ILE A 320 -10.17 20.22 16.48
C ILE A 320 -11.43 19.76 15.77
N ILE A 321 -11.36 18.61 15.10
CA ILE A 321 -12.54 17.95 14.55
C ILE A 321 -12.75 16.56 15.11
N LEU A 322 -11.78 16.03 15.86
CA LEU A 322 -11.92 14.71 16.45
C LEU A 322 -13.05 14.66 17.46
N ASP A 323 -13.50 15.82 17.96
CA ASP A 323 -14.69 15.82 18.83
C ASP A 323 -15.89 15.23 18.11
N GLU A 324 -16.04 15.55 16.82
CA GLU A 324 -17.15 15.09 15.98
C GLU A 324 -16.86 13.78 15.28
N PHE A 325 -15.59 13.57 14.87
CA PHE A 325 -15.22 12.43 14.01
C PHE A 325 -14.45 11.33 14.72
N ALA A 326 -13.96 11.58 15.94
CA ALA A 326 -12.95 10.72 16.57
C ALA A 326 -11.74 10.62 15.63
N ASN A 327 -10.86 9.64 15.86
CA ASN A 327 -9.64 9.52 15.06
C ASN A 327 -9.97 8.85 13.72
N THR A 328 -9.75 9.56 12.62
CA THR A 328 -9.94 9.00 11.29
C THR A 328 -8.61 8.65 10.62
N SER A 329 -7.57 8.41 11.43
CA SER A 329 -6.25 8.04 10.96
C SER A 329 -5.75 9.01 9.88
N SER A 330 -5.41 8.51 8.69
CA SER A 330 -4.79 9.38 7.69
C SER A 330 -5.70 10.55 7.29
N ALA A 331 -7.02 10.37 7.37
CA ALA A 331 -7.92 11.41 6.86
C ALA A 331 -8.05 12.60 7.79
N GLY A 332 -7.67 12.47 9.06
CA GLY A 332 -7.77 13.52 10.06
C GLY A 332 -7.29 14.91 9.65
N VAL A 333 -6.04 15.05 9.24
CA VAL A 333 -5.57 16.40 8.90
C VAL A 333 -6.35 16.96 7.73
N ILE A 334 -6.91 16.09 6.87
CA ILE A 334 -7.60 16.60 5.69
C ILE A 334 -9.00 17.09 6.07
N ILE A 335 -9.69 16.38 6.95
CA ILE A 335 -10.95 16.88 7.53
C ILE A 335 -10.73 18.28 8.11
N ALA A 336 -9.71 18.41 8.97
CA ALA A 336 -9.41 19.69 9.60
C ALA A 336 -9.16 20.79 8.58
N LEU A 337 -8.39 20.48 7.53
CA LEU A 337 -8.14 21.47 6.49
C LEU A 337 -9.42 21.76 5.70
N HIS A 338 -10.22 20.72 5.45
CA HIS A 338 -11.46 20.91 4.69
C HIS A 338 -12.42 21.84 5.42
N ARG A 339 -12.47 21.75 6.76
CA ARG A 339 -13.41 22.53 7.52
C ARG A 339 -12.92 23.97 7.77
N THR A 340 -11.62 24.19 7.91
CA THR A 340 -11.14 25.49 8.37
C THR A 340 -10.15 26.18 7.45
N GLY A 341 -9.88 25.62 6.27
CA GLY A 341 -8.97 26.28 5.35
C GLY A 341 -9.44 27.65 4.91
N HIS A 342 -10.77 27.85 4.86
CA HIS A 342 -11.33 29.17 4.56
C HIS A 342 -11.01 30.20 5.64
N GLU A 343 -10.51 29.79 6.81
CA GLU A 343 -10.18 30.73 7.87
C GLU A 343 -8.80 31.34 7.71
N VAL A 344 -8.06 30.95 6.67
CA VAL A 344 -6.73 31.48 6.40
C VAL A 344 -6.85 32.49 5.27
N ASP A 345 -6.23 33.65 5.43
CA ASP A 345 -6.34 34.67 4.40
C ASP A 345 -5.22 34.53 3.37
N ASP A 346 -5.37 35.24 2.26
CA ASP A 346 -4.34 35.26 1.23
C ASP A 346 -3.01 35.69 1.83
N GLY A 347 -1.95 34.96 1.49
CA GLY A 347 -0.62 35.25 1.98
C GLY A 347 -0.29 34.69 3.34
N GLU A 348 -1.27 34.15 4.07
CA GLU A 348 -1.03 33.63 5.40
C GLU A 348 -0.58 32.16 5.35
N TYR A 349 0.04 31.72 6.45
CA TYR A 349 0.75 30.45 6.53
C TYR A 349 -0.02 29.44 7.37
N GLY A 350 0.11 28.17 7.00
CA GLY A 350 -0.44 27.09 7.78
C GLY A 350 0.54 25.91 7.77
N VAL A 351 0.31 24.99 8.71
CA VAL A 351 1.12 23.80 8.85
C VAL A 351 0.21 22.58 8.95
N ILE A 352 0.44 21.60 8.07
CA ILE A 352 -0.23 20.30 8.11
C ILE A 352 0.74 19.26 8.68
N SER A 353 0.36 18.59 9.77
CA SER A 353 1.24 17.66 10.48
C SER A 353 0.46 16.44 10.92
N SER A 354 0.71 15.30 10.28
CA SER A 354 0.25 13.97 10.62
C SER A 354 1.23 13.31 11.55
N PHE A 355 0.74 12.36 12.35
CA PHE A 355 1.65 11.58 13.18
C PHE A 355 0.88 10.42 13.80
N GLY A 356 1.57 9.29 13.97
CA GLY A 356 0.92 8.10 14.49
C GLY A 356 1.65 6.81 14.17
N ALA A 357 0.89 5.75 13.86
CA ALA A 357 1.46 4.41 13.74
C ALA A 357 2.57 4.32 12.71
N GLY A 358 3.36 3.25 12.82
CA GLY A 358 4.68 3.14 12.28
C GLY A 358 5.73 3.80 13.13
N TYR A 359 5.32 4.71 14.00
CA TYR A 359 5.84 6.07 14.08
C TYR A 359 6.15 6.50 12.66
N SER A 360 5.24 7.35 12.23
CA SER A 360 5.36 8.17 11.04
C SER A 360 4.97 9.58 11.46
N VAL A 361 5.71 10.57 10.97
CA VAL A 361 5.34 11.97 11.11
C VAL A 361 5.48 12.60 9.73
N GLY A 362 4.47 13.37 9.31
CA GLY A 362 4.55 14.13 8.08
C GLY A 362 4.14 15.58 8.33
N SER A 363 4.98 16.55 7.98
CA SER A 363 4.71 17.94 8.33
C SER A 363 4.96 18.84 7.13
N ILE A 364 3.98 19.66 6.78
CA ILE A 364 3.94 20.39 5.52
C ILE A 364 3.63 21.86 5.82
N VAL A 365 4.53 22.77 5.46
CA VAL A 365 4.25 24.20 5.54
C VAL A 365 3.60 24.61 4.23
N VAL A 366 2.45 25.29 4.34
CA VAL A 366 1.71 25.77 3.18
C VAL A 366 1.46 27.26 3.33
N GLN A 367 1.16 27.91 2.21
CA GLN A 367 0.77 29.31 2.20
C GLN A 367 -0.43 29.49 1.26
N LYS A 368 -1.47 30.17 1.77
CA LYS A 368 -2.69 30.36 1.03
C LYS A 368 -2.51 31.44 -0.04
N HIS A 369 -3.06 31.17 -1.22
CA HIS A 369 -3.14 32.12 -2.31
C HIS A 369 -4.59 32.19 -2.75
N VAL A 370 -5.14 33.40 -2.77
CA VAL A 370 -6.51 33.63 -3.23
C VAL A 370 -6.42 34.34 -4.57
N ALA A 371 -7.04 33.76 -5.60
CA ALA A 371 -7.07 34.35 -6.92
C ALA A 371 -8.41 35.04 -7.21
N GLY B 5 20.12 13.48 -13.72
CA GLY B 5 20.94 12.28 -13.75
C GLY B 5 20.67 11.31 -12.62
N ILE B 6 19.86 10.28 -12.91
CA ILE B 6 19.41 9.34 -11.90
C ILE B 6 19.65 7.94 -12.42
N ARG B 7 20.31 7.10 -11.61
CA ARG B 7 20.74 5.78 -12.07
C ARG B 7 20.35 4.69 -11.08
N ILE B 8 19.96 3.53 -11.61
CA ILE B 8 19.91 2.32 -10.81
C ILE B 8 21.33 1.80 -10.72
N THR B 9 21.91 1.80 -9.52
CA THR B 9 23.33 1.52 -9.34
C THR B 9 23.61 0.18 -8.65
N GLY B 10 22.57 -0.56 -8.29
CA GLY B 10 22.79 -1.84 -7.61
C GLY B 10 21.50 -2.58 -7.41
N THR B 11 21.50 -3.89 -7.62
CA THR B 11 20.32 -4.71 -7.41
C THR B 11 20.68 -5.90 -6.54
N GLY B 12 19.68 -6.42 -5.87
CA GLY B 12 19.88 -7.54 -4.95
C GLY B 12 18.72 -8.50 -5.07
N LEU B 13 19.00 -9.75 -4.71
CA LEU B 13 18.10 -10.85 -4.97
C LEU B 13 18.19 -11.86 -3.83
N PHE B 14 17.04 -12.35 -3.38
CA PHE B 14 16.97 -13.43 -2.42
C PHE B 14 15.86 -14.38 -2.83
N HIS B 15 16.15 -15.68 -2.77
CA HIS B 15 15.08 -16.65 -2.92
C HIS B 15 15.17 -17.68 -1.81
N PRO B 16 14.02 -18.22 -1.37
CA PRO B 16 14.05 -19.27 -0.36
C PRO B 16 14.66 -20.55 -0.92
N THR B 17 14.89 -21.52 -0.02
CA THR B 17 15.77 -22.65 -0.34
C THR B 17 15.07 -23.75 -1.14
N GLU B 18 13.89 -24.17 -0.68
CA GLU B 18 13.19 -25.31 -1.26
C GLU B 18 12.61 -25.00 -2.64
N ILE B 19 12.65 -26.02 -3.50
CA ILE B 19 12.25 -25.91 -4.89
C ILE B 19 11.09 -26.87 -5.13
N ILE B 20 10.11 -26.43 -5.93
CA ILE B 20 9.00 -27.28 -6.36
C ILE B 20 9.02 -27.32 -7.88
N SER B 21 9.13 -28.51 -8.45
CA SER B 21 9.07 -28.72 -9.88
C SER B 21 7.62 -28.83 -10.33
N ASN B 22 7.40 -28.68 -11.63
CA ASN B 22 6.05 -28.82 -12.18
C ASN B 22 5.45 -30.19 -11.86
N GLU B 23 6.25 -31.26 -11.98
CA GLU B 23 5.70 -32.60 -11.74
C GLU B 23 5.32 -32.80 -10.27
N GLU B 24 6.15 -32.31 -9.33
CA GLU B 24 5.73 -32.32 -7.94
C GLU B 24 4.40 -31.61 -7.76
N LEU B 25 4.25 -30.46 -8.40
CA LEU B 25 3.05 -29.66 -8.23
C LEU B 25 1.86 -30.32 -8.90
N ALA B 26 2.05 -30.84 -10.12
CA ALA B 26 0.95 -31.53 -10.80
C ALA B 26 0.52 -32.77 -10.02
N ASP B 27 1.50 -33.60 -9.62
CA ASP B 27 1.22 -34.75 -8.74
C ASP B 27 0.40 -34.32 -7.54
N SER B 28 0.83 -33.25 -6.87
CA SER B 28 0.17 -32.82 -5.64
C SER B 28 -1.28 -32.43 -5.90
N LEU B 29 -1.54 -31.65 -6.96
CA LEU B 29 -2.91 -31.23 -7.22
C LEU B 29 -3.77 -32.42 -7.67
N ASN B 30 -3.19 -33.30 -8.50
CA ASN B 30 -3.92 -34.48 -8.95
C ASN B 30 -4.39 -35.34 -7.79
N ALA B 31 -3.56 -35.45 -6.74
CA ALA B 31 -3.96 -36.19 -5.54
C ALA B 31 -5.13 -35.49 -4.84
N TYR B 32 -5.12 -34.16 -4.79
CA TYR B 32 -6.22 -33.44 -4.16
C TYR B 32 -7.51 -33.58 -4.97
N VAL B 33 -7.43 -33.45 -6.30
CA VAL B 33 -8.67 -33.45 -7.08
C VAL B 33 -9.26 -34.86 -7.13
N GLU B 34 -8.42 -35.89 -7.01
CA GLU B 34 -8.96 -37.25 -6.97
C GLU B 34 -9.64 -37.52 -5.63
N GLN B 35 -9.04 -37.10 -4.52
CA GLN B 35 -9.71 -37.22 -3.23
C GLN B 35 -11.03 -36.45 -3.21
N TYR B 36 -11.04 -35.26 -3.81
CA TYR B 36 -12.27 -34.46 -3.86
C TYR B 36 -13.34 -35.16 -4.68
N ASN B 37 -12.95 -35.78 -5.80
CA ASN B 37 -13.93 -36.42 -6.66
C ASN B 37 -14.32 -37.81 -6.15
N GLN B 38 -13.35 -38.59 -5.67
CA GLN B 38 -13.66 -39.87 -5.06
C GLN B 38 -14.56 -39.71 -3.84
N GLU B 39 -14.55 -38.54 -3.22
CA GLU B 39 -15.50 -38.24 -2.15
C GLU B 39 -16.88 -37.93 -2.74
N ASN B 40 -17.02 -36.81 -3.44
CA ASN B 40 -18.33 -36.33 -3.90
C ASN B 40 -18.74 -36.98 -5.22
N ALA B 41 -18.92 -38.30 -5.20
CA ALA B 41 -19.45 -38.98 -6.37
C ALA B 41 -20.90 -38.58 -6.65
N GLU B 42 -21.65 -38.29 -5.59
CA GLU B 42 -23.08 -38.00 -5.71
C GLU B 42 -23.33 -36.61 -6.30
N LYS B 43 -22.74 -35.58 -5.71
CA LYS B 43 -23.06 -34.21 -6.12
C LYS B 43 -22.55 -33.90 -7.51
N ILE B 44 -21.50 -34.60 -7.98
CA ILE B 44 -21.12 -34.52 -9.38
C ILE B 44 -22.25 -35.06 -10.25
N ALA B 45 -22.72 -36.28 -9.94
CA ALA B 45 -23.79 -36.89 -10.72
C ALA B 45 -25.11 -36.13 -10.53
N ALA B 46 -25.37 -35.67 -9.30
CA ALA B 46 -26.58 -34.91 -8.99
C ALA B 46 -26.60 -33.53 -9.64
N GLY B 47 -25.64 -33.21 -10.52
CA GLY B 47 -25.61 -31.90 -11.15
C GLY B 47 -25.43 -30.76 -10.20
N GLU B 48 -24.89 -31.01 -9.01
CA GLU B 48 -24.73 -30.00 -7.98
C GLU B 48 -23.31 -29.44 -7.97
N LEU B 49 -22.34 -30.26 -7.56
CA LEU B 49 -20.93 -29.87 -7.54
C LEU B 49 -20.27 -30.35 -8.84
N GLU B 50 -19.37 -29.53 -9.37
CA GLU B 50 -18.67 -29.92 -10.59
C GLU B 50 -17.50 -30.84 -10.25
N GLU B 51 -17.13 -31.66 -11.22
CA GLU B 51 -16.01 -32.58 -11.08
C GLU B 51 -14.71 -31.85 -11.38
N LEU B 52 -13.86 -31.70 -10.37
CA LEU B 52 -12.59 -30.99 -10.55
C LEU B 52 -11.67 -31.71 -11.51
N ARG B 53 -10.91 -30.94 -12.28
CA ARG B 53 -9.98 -31.46 -13.27
C ARG B 53 -8.55 -31.30 -12.78
N GLY B 54 -7.68 -32.22 -13.22
CA GLY B 54 -6.30 -32.24 -12.80
C GLY B 54 -5.39 -31.40 -13.68
N SER B 55 -4.09 -31.53 -13.44
CA SER B 55 -3.07 -30.72 -14.08
C SER B 55 -1.99 -31.62 -14.67
N SER B 56 -1.15 -31.06 -15.54
CA SER B 56 -0.05 -31.84 -16.09
C SER B 56 1.18 -30.95 -16.26
N ALA B 57 2.35 -31.51 -15.93
CA ALA B 57 3.61 -30.77 -16.03
C ALA B 57 3.94 -30.45 -17.47
N GLU B 58 3.46 -31.25 -18.40
CA GLU B 58 3.71 -31.00 -19.81
C GLU B 58 3.01 -29.73 -20.25
N PHE B 59 1.75 -29.57 -19.86
CA PHE B 59 1.00 -28.35 -20.20
C PHE B 59 1.67 -27.12 -19.62
N ILE B 60 2.01 -27.17 -18.31
CA ILE B 60 2.59 -26.02 -17.63
C ILE B 60 3.73 -25.43 -18.43
N GLU B 61 4.70 -26.27 -18.81
CA GLU B 61 5.92 -25.76 -19.42
C GLU B 61 5.67 -25.32 -20.85
N LYS B 62 4.90 -26.09 -21.62
CA LYS B 62 4.62 -25.69 -23.00
C LYS B 62 3.82 -24.38 -23.03
N ALA B 63 2.85 -24.22 -22.12
CA ALA B 63 1.99 -23.04 -22.15
C ALA B 63 2.73 -21.79 -21.68
N SER B 64 3.66 -21.91 -20.73
CA SER B 64 4.22 -20.76 -20.05
C SER B 64 5.74 -20.69 -20.03
N GLY B 65 6.45 -21.81 -20.19
CA GLY B 65 7.89 -21.80 -20.04
C GLY B 65 8.39 -22.06 -18.63
N ILE B 66 7.52 -22.02 -17.63
CA ILE B 66 7.90 -22.29 -16.25
C ILE B 66 8.27 -23.77 -16.09
N LYS B 67 9.35 -24.03 -15.36
CA LYS B 67 9.74 -25.40 -15.03
C LYS B 67 9.74 -25.69 -13.52
N ARG B 68 10.06 -24.69 -12.69
CA ARG B 68 10.21 -24.86 -11.25
C ARG B 68 9.95 -23.51 -10.60
N ARG B 69 9.86 -23.52 -9.26
CA ARG B 69 9.78 -22.25 -8.53
C ARG B 69 10.32 -22.46 -7.11
N TYR B 70 10.86 -21.38 -6.53
CA TYR B 70 11.25 -21.39 -5.12
C TYR B 70 10.07 -21.07 -4.23
N VAL B 71 9.96 -21.79 -3.11
CA VAL B 71 8.84 -21.62 -2.19
C VAL B 71 9.36 -21.42 -0.77
N ILE B 72 8.56 -20.71 0.02
CA ILE B 72 8.94 -20.39 1.39
C ILE B 72 8.94 -21.65 2.26
N GLU B 73 8.01 -22.57 2.01
CA GLU B 73 7.91 -23.83 2.75
C GLU B 73 7.19 -24.83 1.86
N LYS B 74 7.81 -26.00 1.64
CA LYS B 74 7.43 -26.89 0.55
C LYS B 74 6.40 -27.94 0.95
N SER B 75 6.52 -28.54 2.14
CA SER B 75 5.71 -29.71 2.47
C SER B 75 4.24 -29.36 2.60
N GLY B 76 3.92 -28.18 3.11
CA GLY B 76 2.53 -27.80 3.25
C GLY B 76 1.86 -27.52 1.92
N ILE B 77 2.63 -26.98 0.96
CA ILE B 77 2.09 -26.71 -0.38
C ILE B 77 1.78 -28.02 -1.09
N LEU B 78 2.67 -29.00 -1.01
CA LEU B 78 2.49 -30.26 -1.71
C LEU B 78 1.51 -31.20 -1.02
N ASP B 79 1.31 -31.06 0.27
CA ASP B 79 0.36 -31.87 1.03
C ASP B 79 -1.06 -31.67 0.49
N PRO B 80 -1.70 -32.72 -0.05
CA PRO B 80 -3.04 -32.53 -0.62
C PRO B 80 -4.13 -32.33 0.40
N THR B 81 -3.84 -32.52 1.70
CA THR B 81 -4.78 -32.21 2.76
C THR B 81 -4.62 -30.79 3.28
N ARG B 82 -3.56 -30.09 2.89
CA ARG B 82 -3.30 -28.73 3.37
C ARG B 82 -3.27 -27.75 2.19
N LEU B 83 -2.29 -27.88 1.29
CA LEU B 83 -2.19 -27.06 0.07
C LEU B 83 -1.91 -25.59 0.40
N ARG B 84 -0.99 -25.34 1.34
CA ARG B 84 -0.52 -24.01 1.67
C ARG B 84 0.72 -24.15 2.55
N PRO B 85 1.67 -23.21 2.50
CA PRO B 85 2.92 -23.40 3.25
C PRO B 85 2.70 -23.46 4.75
N ARG B 86 3.55 -24.23 5.43
CA ARG B 86 3.49 -24.38 6.89
C ARG B 86 4.34 -23.30 7.54
N LEU B 87 3.70 -22.28 8.09
CA LEU B 87 4.43 -21.16 8.67
C LEU B 87 4.07 -20.99 10.14
N SER B 88 4.91 -20.25 10.86
CA SER B 88 4.72 -19.97 12.29
C SER B 88 4.60 -18.48 12.54
N GLU B 89 3.64 -18.09 13.39
CA GLU B 89 3.59 -16.72 13.87
C GLU B 89 4.90 -16.36 14.55
N ARG B 90 5.36 -15.14 14.32
CA ARG B 90 6.48 -14.60 15.05
C ARG B 90 5.99 -13.50 15.99
N SER B 91 6.66 -13.35 17.11
CA SER B 91 6.27 -12.28 18.03
C SER B 91 6.75 -10.94 17.47
N ASN B 92 6.15 -9.85 17.98
CA ASN B 92 6.51 -8.52 17.47
C ASN B 92 7.99 -8.22 17.65
N ASP B 93 8.67 -8.90 18.59
CA ASP B 93 10.09 -8.65 18.82
C ASP B 93 10.96 -9.20 17.69
N GLU B 94 10.48 -10.20 16.97
CA GLU B 94 11.27 -10.78 15.88
C GLU B 94 10.96 -10.10 14.54
N LEU B 95 12.00 -9.95 13.73
CA LEU B 95 11.84 -9.54 12.34
C LEU B 95 10.79 -10.40 11.64
N SER B 96 9.80 -9.76 11.00
CA SER B 96 8.80 -10.52 10.30
C SER B 96 9.39 -11.13 9.02
N ILE B 97 8.70 -12.13 8.48
CA ILE B 97 9.19 -12.85 7.29
C ILE B 97 9.39 -11.90 6.12
N GLN B 98 8.38 -11.06 5.83
CA GLN B 98 8.49 -10.16 4.68
C GLN B 98 9.64 -9.18 4.86
N ALA B 99 9.81 -8.64 6.06
CA ALA B 99 10.93 -7.72 6.26
C ALA B 99 12.25 -8.47 6.18
N GLU B 100 12.28 -9.70 6.68
CA GLU B 100 13.52 -10.48 6.67
C GLU B 100 14.02 -10.70 5.25
N TRP B 101 13.16 -11.20 4.37
CA TRP B 101 13.52 -11.36 2.97
C TRP B 101 13.95 -10.05 2.36
N GLY B 102 13.23 -8.96 2.67
CA GLY B 102 13.57 -7.69 2.09
C GLY B 102 14.92 -7.18 2.55
N VAL B 103 15.21 -7.36 3.84
CA VAL B 103 16.53 -6.96 4.36
C VAL B 103 17.64 -7.68 3.59
N ILE B 104 17.50 -9.01 3.40
CA ILE B 104 18.56 -9.77 2.72
C ILE B 104 18.82 -9.20 1.33
N ALA B 105 17.77 -9.06 0.52
CA ALA B 105 17.96 -8.52 -0.83
C ALA B 105 18.54 -7.10 -0.77
N ALA B 106 18.09 -6.28 0.19
CA ALA B 106 18.55 -4.89 0.25
C ALA B 106 20.06 -4.80 0.54
N LYS B 107 20.56 -5.63 1.48
CA LYS B 107 21.99 -5.62 1.79
C LYS B 107 22.80 -5.95 0.55
N GLN B 108 22.36 -6.93 -0.24
CA GLN B 108 23.07 -7.24 -1.47
C GLN B 108 23.03 -6.05 -2.43
N ALA B 109 21.87 -5.39 -2.55
CA ALA B 109 21.80 -4.25 -3.46
C ALA B 109 22.70 -3.13 -2.98
N MET B 110 22.70 -2.88 -1.66
CA MET B 110 23.51 -1.81 -1.11
C MET B 110 24.99 -2.08 -1.32
N GLU B 111 25.43 -3.31 -1.03
CA GLU B 111 26.81 -3.71 -1.30
C GLU B 111 27.15 -3.56 -2.78
N ASN B 112 26.27 -4.01 -3.67
CA ASN B 112 26.55 -3.89 -5.10
C ASN B 112 26.65 -2.43 -5.53
N ALA B 113 25.90 -1.53 -4.89
CA ALA B 113 25.96 -0.12 -5.22
C ALA B 113 27.07 0.62 -4.50
N GLY B 114 27.69 0.00 -3.50
CA GLY B 114 28.76 0.65 -2.77
C GLY B 114 28.24 1.78 -1.92
N VAL B 115 27.13 1.53 -1.22
CA VAL B 115 26.50 2.49 -0.32
C VAL B 115 26.23 1.76 0.98
N THR B 116 26.15 2.53 2.06
CA THR B 116 25.80 2.04 3.39
C THR B 116 24.50 2.70 3.86
N ALA B 117 24.02 2.27 5.03
CA ALA B 117 22.73 2.75 5.56
C ALA B 117 22.67 4.27 5.64
N GLU B 118 23.76 4.90 6.09
CA GLU B 118 23.77 6.35 6.23
C GLU B 118 23.61 7.07 4.90
N ASP B 119 23.74 6.35 3.77
CA ASP B 119 23.67 6.94 2.44
C ASP B 119 22.25 7.02 1.89
N ILE B 120 21.28 6.37 2.54
CA ILE B 120 19.93 6.16 2.01
C ILE B 120 18.96 7.12 2.69
N ASP B 121 18.06 7.75 1.90
CA ASP B 121 17.07 8.69 2.44
C ASP B 121 15.65 8.17 2.46
N VAL B 122 15.29 7.24 1.56
CA VAL B 122 13.93 6.71 1.44
C VAL B 122 14.00 5.21 1.27
N VAL B 123 13.07 4.49 1.90
CA VAL B 123 12.85 3.05 1.68
C VAL B 123 11.42 2.88 1.20
N ILE B 124 11.23 2.27 0.03
CA ILE B 124 9.91 1.93 -0.49
C ILE B 124 9.79 0.42 -0.56
N LEU B 125 8.76 -0.13 0.08
CA LEU B 125 8.36 -1.51 -0.17
C LEU B 125 7.22 -1.53 -1.19
N ALA B 126 7.51 -2.05 -2.38
CA ALA B 126 6.57 -2.05 -3.49
C ALA B 126 6.36 -3.49 -3.93
N CYS B 127 5.20 -4.06 -3.64
CA CYS B 127 4.93 -5.41 -4.08
C CYS B 127 3.43 -5.64 -4.11
N SER B 128 3.03 -6.87 -4.37
CA SER B 128 1.63 -7.18 -4.59
C SER B 128 0.87 -7.56 -3.32
N ASN B 129 1.53 -7.75 -2.17
CA ASN B 129 0.77 -8.12 -0.97
C ASN B 129 1.60 -7.85 0.26
N MET B 130 1.10 -6.99 1.15
CA MET B 130 1.81 -6.64 2.37
C MET B 130 1.38 -7.60 3.47
N GLN B 131 2.35 -7.99 4.30
CA GLN B 131 2.09 -8.93 5.39
C GLN B 131 1.19 -8.33 6.48
N ARG B 132 1.23 -7.02 6.70
CA ARG B 132 0.27 -6.39 7.59
C ARG B 132 0.06 -4.95 7.15
N ALA B 133 -0.95 -4.30 7.75
CA ALA B 133 -1.27 -2.91 7.43
C ALA B 133 -0.37 -1.91 8.17
N TYR B 134 -0.14 -2.12 9.48
CA TYR B 134 0.64 -1.14 10.22
C TYR B 134 1.26 -1.84 11.42
N PRO B 135 2.48 -1.47 11.84
CA PRO B 135 3.33 -0.49 11.17
C PRO B 135 3.76 -1.02 9.80
N ALA B 136 3.96 -0.13 8.80
CA ALA B 136 4.35 -0.57 7.46
C ALA B 136 5.60 -1.43 7.53
N VAL B 137 5.62 -2.51 6.75
CA VAL B 137 6.82 -3.34 6.84
C VAL B 137 8.01 -2.66 6.16
N ALA B 138 7.78 -1.65 5.31
CA ALA B 138 8.90 -0.84 4.79
C ALA B 138 9.63 -0.11 5.90
N ILE B 139 8.90 0.36 6.91
CA ILE B 139 9.54 0.98 8.06
C ILE B 139 10.29 -0.05 8.89
N GLU B 140 9.71 -1.24 9.06
CA GLU B 140 10.45 -2.32 9.72
C GLU B 140 11.74 -2.65 8.97
N ILE B 141 11.72 -2.66 7.64
CA ILE B 141 12.94 -2.88 6.86
C ILE B 141 13.92 -1.73 7.06
N GLN B 142 13.43 -0.49 6.98
CA GLN B 142 14.27 0.69 7.21
C GLN B 142 15.02 0.61 8.55
N SER B 143 14.31 0.25 9.60
CA SER B 143 14.92 0.18 10.93
C SER B 143 15.95 -0.96 11.01
N ALA B 144 15.56 -2.16 10.59
CA ALA B 144 16.47 -3.31 10.59
C ALA B 144 17.79 -2.98 9.91
N LEU B 145 17.76 -2.12 8.92
CA LEU B 145 18.97 -1.77 8.17
C LEU B 145 19.69 -0.57 8.78
N GLY B 146 19.10 0.05 9.80
CA GLY B 146 19.67 1.25 10.37
C GLY B 146 19.52 2.51 9.54
N ILE B 147 18.57 2.53 8.60
CA ILE B 147 18.43 3.66 7.69
C ILE B 147 17.56 4.74 8.34
N GLN B 148 17.93 5.99 8.15
CA GLN B 148 17.12 7.11 8.62
C GLN B 148 16.40 7.77 7.45
N GLY B 149 15.40 8.58 7.78
CA GLY B 149 14.62 9.24 6.74
C GLY B 149 13.20 8.74 6.85
N TYR B 150 12.59 8.33 5.76
CA TYR B 150 11.22 7.82 5.85
C TYR B 150 11.04 6.62 4.93
N ALA B 151 9.92 5.93 5.14
CA ALA B 151 9.65 4.70 4.43
C ALA B 151 8.14 4.54 4.29
N TYR B 152 7.71 3.84 3.24
CA TYR B 152 6.28 3.57 3.09
C TYR B 152 6.08 2.33 2.24
N ASP B 153 4.88 1.73 2.42
CA ASP B 153 4.45 0.58 1.63
C ASP B 153 3.59 1.05 0.45
N MET B 154 3.77 0.41 -0.71
CA MET B 154 3.09 0.81 -1.93
C MET B 154 2.73 -0.42 -2.75
N ASN B 155 1.47 -0.53 -3.17
CA ASN B 155 1.00 -1.73 -3.87
C ASN B 155 0.31 -1.33 -5.17
N VAL B 156 0.84 -1.83 -6.29
CA VAL B 156 0.14 -1.83 -7.57
C VAL B 156 0.52 -3.16 -8.25
N ALA B 157 0.59 -4.21 -7.44
CA ALA B 157 0.73 -5.60 -7.86
C ALA B 157 1.83 -5.81 -8.92
N ALA B 158 1.47 -6.28 -10.12
CA ALA B 158 2.49 -6.67 -11.10
C ALA B 158 3.48 -5.56 -11.43
N SER B 159 3.06 -4.29 -11.36
CA SER B 159 3.90 -3.18 -11.78
C SER B 159 4.47 -2.37 -10.61
N ALA B 160 4.49 -2.94 -9.41
CA ALA B 160 4.95 -2.18 -8.24
C ALA B 160 6.40 -1.75 -8.38
N ALA B 161 7.22 -2.56 -9.04
CA ALA B 161 8.63 -2.21 -9.15
C ALA B 161 8.83 -1.03 -10.09
N THR B 162 8.17 -1.04 -11.25
CA THR B 162 8.30 0.08 -12.17
C THR B 162 7.65 1.34 -11.63
N PHE B 163 6.47 1.23 -11.00
CA PHE B 163 5.88 2.41 -10.35
C PHE B 163 6.79 2.90 -9.23
N GLY B 164 7.38 1.98 -8.47
CA GLY B 164 8.29 2.36 -7.41
C GLY B 164 9.55 3.02 -7.93
N LEU B 165 10.04 2.60 -9.10
CA LEU B 165 11.20 3.27 -9.68
C LEU B 165 10.86 4.70 -10.05
N LYS B 166 9.64 4.92 -10.54
CA LYS B 166 9.20 6.27 -10.85
C LYS B 166 9.05 7.10 -9.58
N GLN B 167 8.51 6.50 -8.51
CA GLN B 167 8.41 7.24 -7.26
C GLN B 167 9.78 7.52 -6.68
N ALA B 168 10.70 6.56 -6.78
CA ALA B 168 12.08 6.81 -6.37
C ALA B 168 12.68 7.97 -7.16
N ALA B 169 12.59 7.92 -8.50
CA ALA B 169 13.16 8.99 -9.31
C ALA B 169 12.58 10.36 -8.95
N ASP B 170 11.25 10.42 -8.70
CA ASP B 170 10.61 11.69 -8.34
C ASP B 170 11.12 12.23 -7.00
N ALA B 171 11.26 11.35 -6.00
CA ALA B 171 11.80 11.80 -4.71
C ALA B 171 13.21 12.34 -4.87
N ILE B 172 14.03 11.71 -5.72
CA ILE B 172 15.40 12.20 -5.91
C ILE B 172 15.39 13.58 -6.56
N ARG B 173 14.59 13.75 -7.63
CA ARG B 173 14.47 15.07 -8.27
C ARG B 173 14.02 16.14 -7.27
N SER B 174 13.29 15.74 -6.24
CA SER B 174 12.89 16.66 -5.17
C SER B 174 13.91 16.78 -4.05
N GLY B 175 15.04 16.07 -4.12
CA GLY B 175 16.13 16.28 -3.17
C GLY B 175 16.56 15.06 -2.37
N ALA B 176 15.91 13.91 -2.46
CA ALA B 176 16.50 12.73 -1.86
C ALA B 176 17.82 12.39 -2.56
N ARG B 177 18.80 11.91 -1.78
CA ARG B 177 20.08 11.50 -2.36
C ARG B 177 19.98 10.14 -3.02
N ARG B 178 19.42 9.17 -2.31
CA ARG B 178 19.37 7.79 -2.76
C ARG B 178 18.13 7.15 -2.15
N VAL B 179 17.56 6.19 -2.90
CA VAL B 179 16.33 5.48 -2.50
C VAL B 179 16.60 3.99 -2.56
N LEU B 180 16.11 3.26 -1.58
CA LEU B 180 16.10 1.80 -1.59
C LEU B 180 14.70 1.33 -1.95
N LEU B 181 14.59 0.54 -3.02
CA LEU B 181 13.32 -0.02 -3.47
C LEU B 181 13.33 -1.54 -3.28
N VAL B 182 12.39 -2.06 -2.48
CA VAL B 182 12.37 -3.46 -2.11
C VAL B 182 11.06 -4.07 -2.62
N ASN B 183 11.15 -5.28 -3.16
CA ASN B 183 9.95 -6.01 -3.59
C ASN B 183 10.00 -7.41 -2.98
N VAL B 184 9.06 -7.72 -2.10
CA VAL B 184 9.00 -9.03 -1.45
C VAL B 184 7.70 -9.71 -1.85
N GLU B 185 7.81 -10.86 -2.49
CA GLU B 185 6.68 -11.57 -3.06
C GLU B 185 6.62 -12.97 -2.48
N ILE B 186 5.76 -13.14 -1.50
CA ILE B 186 5.50 -14.47 -0.97
C ILE B 186 4.17 -14.92 -1.55
N THR B 187 4.19 -15.26 -2.85
CA THR B 187 2.96 -15.55 -3.58
C THR B 187 2.32 -16.85 -3.12
N SER B 188 3.11 -17.76 -2.55
CA SER B 188 2.52 -18.97 -1.97
C SER B 188 1.54 -18.65 -0.86
N GLY B 189 1.60 -17.44 -0.31
CA GLY B 189 0.61 -17.01 0.68
C GLY B 189 -0.78 -16.74 0.13
N HIS B 190 -0.90 -16.39 -1.17
CA HIS B 190 -2.21 -16.09 -1.74
C HIS B 190 -2.52 -16.83 -3.04
N LEU B 191 -1.70 -17.79 -3.44
CA LEU B 191 -2.06 -18.62 -4.58
C LEU B 191 -3.09 -19.67 -4.19
N ASP B 192 -3.92 -20.05 -5.14
CA ASP B 192 -4.92 -21.11 -4.95
C ASP B 192 -4.36 -22.39 -5.53
N TYR B 193 -3.79 -23.23 -4.67
CA TYR B 193 -3.17 -24.48 -5.11
C TYR B 193 -4.17 -25.56 -5.45
N ARG B 194 -5.48 -25.32 -5.26
CA ARG B 194 -6.47 -26.28 -5.73
C ARG B 194 -6.80 -26.09 -7.20
N ASN B 195 -6.55 -24.90 -7.75
CA ASN B 195 -7.01 -24.50 -9.07
C ASN B 195 -5.96 -24.85 -10.12
N ARG B 196 -6.28 -25.79 -11.00
CA ARG B 196 -5.37 -26.16 -12.08
C ARG B 196 -5.05 -24.97 -12.99
N ASP B 197 -5.94 -23.99 -13.08
CA ASP B 197 -5.71 -22.87 -14.00
C ASP B 197 -4.53 -21.98 -13.55
N CYS B 198 -4.30 -21.87 -12.23
CA CYS B 198 -3.33 -20.90 -11.73
C CYS B 198 -2.29 -21.44 -10.74
N HIS B 199 -2.36 -22.71 -10.32
CA HIS B 199 -1.52 -23.16 -9.21
C HIS B 199 -0.02 -23.11 -9.53
N PHE B 200 0.35 -23.21 -10.81
CA PHE B 200 1.74 -23.26 -11.26
C PHE B 200 2.35 -21.90 -11.57
N ILE B 201 1.56 -20.82 -11.51
CA ILE B 201 1.99 -19.57 -12.15
C ILE B 201 3.07 -18.87 -11.33
N PHE B 202 2.94 -18.83 -10.01
CA PHE B 202 3.70 -17.91 -9.19
C PHE B 202 4.79 -18.61 -8.39
N GLY B 203 5.87 -17.87 -8.10
CA GLY B 203 6.90 -18.32 -7.19
C GLY B 203 7.26 -17.22 -6.20
N ASP B 204 8.12 -17.58 -5.24
CA ASP B 204 8.50 -16.68 -4.15
C ASP B 204 9.89 -16.10 -4.41
N VAL B 205 10.10 -14.86 -3.97
CA VAL B 205 11.38 -14.18 -4.16
C VAL B 205 11.39 -12.87 -3.40
N ALA B 206 12.55 -12.24 -3.29
CA ALA B 206 12.63 -10.83 -2.91
C ALA B 206 13.74 -10.20 -3.74
N THR B 207 13.53 -8.94 -4.13
CA THR B 207 14.52 -8.20 -4.90
C THR B 207 14.64 -6.81 -4.30
N ALA B 208 15.71 -6.10 -4.67
CA ALA B 208 15.88 -4.75 -4.18
C ALA B 208 16.74 -4.00 -5.19
N SER B 209 16.62 -2.66 -5.18
CA SER B 209 17.38 -1.78 -6.07
C SER B 209 17.79 -0.52 -5.33
N ILE B 210 18.97 0.00 -5.68
CA ILE B 210 19.45 1.29 -5.21
C ILE B 210 19.33 2.30 -6.35
N ILE B 211 18.64 3.41 -6.10
CA ILE B 211 18.50 4.48 -7.08
C ILE B 211 19.17 5.72 -6.50
N GLU B 212 19.93 6.43 -7.32
CA GLU B 212 20.79 7.51 -6.87
C GLU B 212 20.83 8.61 -7.91
N GLU B 213 20.94 9.85 -7.41
CA GLU B 213 21.42 10.95 -8.23
C GLU B 213 22.92 10.81 -8.41
N THR B 214 23.36 10.56 -9.64
CA THR B 214 24.79 10.40 -9.91
C THR B 214 25.04 10.63 -11.39
N THR B 215 26.27 11.04 -11.70
CA THR B 215 26.81 10.99 -13.06
C THR B 215 28.18 10.34 -13.06
N THR B 216 28.54 9.66 -11.97
CA THR B 216 29.88 9.14 -11.78
C THR B 216 29.91 7.68 -11.35
N LYS B 217 28.77 7.02 -11.26
CA LYS B 217 28.69 5.64 -10.79
C LYS B 217 28.12 4.74 -11.88
N THR B 218 28.66 3.52 -11.97
CA THR B 218 28.12 2.55 -12.91
C THR B 218 26.65 2.26 -12.58
N GLY B 219 25.79 2.38 -13.58
CA GLY B 219 24.39 2.07 -13.38
C GLY B 219 23.60 2.36 -14.63
N PHE B 220 22.29 2.12 -14.52
CA PHE B 220 21.37 2.35 -15.63
C PHE B 220 20.67 3.68 -15.38
N GLU B 221 20.92 4.64 -16.25
CA GLU B 221 20.29 5.95 -16.11
C GLU B 221 18.87 5.87 -16.63
N ILE B 222 17.91 6.38 -15.83
CA ILE B 222 16.51 6.38 -16.20
C ILE B 222 16.23 7.53 -17.15
N LEU B 223 15.73 7.22 -18.36
CA LEU B 223 15.52 8.24 -19.38
C LEU B 223 14.06 8.55 -19.66
N ASP B 224 13.13 7.62 -19.45
CA ASP B 224 11.73 7.91 -19.66
C ASP B 224 10.92 6.87 -18.91
N ILE B 225 9.80 7.27 -18.33
CA ILE B 225 8.90 6.35 -17.65
C ILE B 225 7.49 6.61 -18.13
N HIS B 226 6.80 5.55 -18.52
CA HIS B 226 5.38 5.60 -18.84
C HIS B 226 4.66 4.60 -17.94
N LEU B 227 3.74 5.09 -17.11
CA LEU B 227 2.90 4.28 -16.23
C LEU B 227 1.46 4.37 -16.68
N PHE B 228 0.72 3.27 -16.53
CA PHE B 228 -0.64 3.19 -17.03
C PHE B 228 -1.42 2.20 -16.19
N THR B 229 -2.65 2.57 -15.80
CA THR B 229 -3.56 1.60 -15.18
C THR B 229 -4.94 1.73 -15.82
N GLN B 230 -5.66 0.61 -15.83
CA GLN B 230 -7.00 0.52 -16.41
C GLN B 230 -7.70 -0.62 -15.69
N PHE B 231 -8.70 -0.30 -14.87
CA PHE B 231 -9.34 -1.27 -13.99
C PHE B 231 -9.84 -2.48 -14.75
N SER B 232 -9.54 -3.66 -14.21
CA SER B 232 -10.06 -4.91 -14.75
C SER B 232 -10.23 -5.89 -13.61
N ASN B 233 -11.32 -6.65 -13.66
CA ASN B 233 -11.55 -7.72 -12.69
C ASN B 233 -10.98 -9.05 -13.16
N ASN B 234 -10.24 -9.05 -14.27
CA ASN B 234 -9.75 -10.30 -14.82
C ASN B 234 -8.64 -10.92 -13.99
N ILE B 235 -8.10 -10.20 -13.00
CA ILE B 235 -7.19 -10.72 -12.00
C ILE B 235 -7.57 -10.09 -10.67
N ARG B 236 -7.96 -10.90 -9.70
CA ARG B 236 -8.57 -10.32 -8.50
C ARG B 236 -8.44 -11.30 -7.34
N ASN B 237 -8.23 -10.74 -6.15
CA ASN B 237 -8.17 -11.49 -4.89
C ASN B 237 -8.96 -10.68 -3.88
N ASN B 238 -10.05 -11.25 -3.36
CA ASN B 238 -10.98 -10.48 -2.55
C ASN B 238 -10.70 -10.57 -1.05
N PHE B 239 -9.54 -11.10 -0.65
CA PHE B 239 -9.16 -11.18 0.76
C PHE B 239 -8.85 -9.81 1.34
N GLY B 240 -9.38 -9.52 2.53
CA GLY B 240 -9.04 -8.25 3.18
C GLY B 240 -9.69 -8.12 4.53
N PHE B 241 -9.37 -7.01 5.20
CA PHE B 241 -9.73 -6.78 6.60
C PHE B 241 -11.23 -6.59 6.82
N LEU B 242 -12.03 -6.42 5.76
CA LEU B 242 -13.47 -6.31 5.91
C LEU B 242 -14.20 -7.64 5.76
N ASN B 243 -13.50 -8.71 5.35
CA ASN B 243 -14.12 -10.03 5.25
C ASN B 243 -14.83 -10.42 6.55
N ARG B 244 -14.18 -10.16 7.69
CA ARG B 244 -14.76 -10.53 8.99
C ARG B 244 -16.11 -9.84 9.21
N SER B 245 -16.16 -8.51 9.07
CA SER B 245 -17.43 -7.80 9.23
C SER B 245 -18.45 -8.15 8.16
N GLU B 246 -17.99 -8.65 7.00
CA GLU B 246 -18.84 -9.12 5.92
C GLU B 246 -19.41 -10.50 6.19
N ASP B 247 -18.86 -11.22 7.18
CA ASP B 247 -19.15 -12.63 7.41
C ASP B 247 -19.11 -13.40 6.09
N ALA B 248 -17.97 -13.25 5.41
CA ALA B 248 -17.83 -13.65 4.01
C ALA B 248 -17.81 -15.15 3.86
N VAL B 249 -18.47 -15.65 2.80
CA VAL B 249 -18.51 -17.07 2.52
C VAL B 249 -17.99 -17.43 1.14
N VAL B 250 -17.92 -16.49 0.20
CA VAL B 250 -17.52 -16.79 -1.17
C VAL B 250 -16.05 -17.15 -1.23
N ASP B 251 -15.73 -18.18 -2.00
CA ASP B 251 -14.37 -18.73 -2.09
C ASP B 251 -13.60 -17.99 -3.20
N ASP B 252 -13.29 -16.72 -2.91
CA ASP B 252 -12.55 -15.86 -3.83
C ASP B 252 -11.53 -15.02 -3.07
N LYS B 253 -11.04 -15.53 -1.95
CA LYS B 253 -10.08 -14.84 -1.10
C LYS B 253 -8.65 -15.25 -1.42
N LEU B 254 -8.41 -15.77 -2.62
CA LEU B 254 -7.09 -16.12 -3.11
C LEU B 254 -6.95 -15.61 -4.55
N PHE B 255 -5.75 -15.76 -5.12
CA PHE B 255 -5.53 -15.37 -6.49
C PHE B 255 -6.53 -16.02 -7.44
N ARG B 256 -7.07 -15.22 -8.36
CA ARG B 256 -7.98 -15.73 -9.37
C ARG B 256 -7.86 -14.88 -10.63
N GLN B 257 -7.87 -15.54 -11.78
CA GLN B 257 -7.70 -14.80 -13.04
C GLN B 257 -8.35 -15.58 -14.17
N ASP B 258 -8.75 -14.84 -15.20
CA ASP B 258 -9.13 -15.41 -16.49
C ASP B 258 -7.96 -15.14 -17.43
N GLY B 259 -7.08 -16.15 -17.54
CA GLY B 259 -5.79 -15.95 -18.19
C GLY B 259 -5.90 -15.59 -19.66
N ARG B 260 -6.83 -16.22 -20.38
CA ARG B 260 -7.01 -15.89 -21.80
C ARG B 260 -7.45 -14.44 -21.98
N LYS B 261 -8.40 -13.96 -21.16
CA LYS B 261 -8.82 -12.56 -21.29
C LYS B 261 -7.69 -11.60 -20.95
N VAL B 262 -6.88 -11.95 -19.95
CA VAL B 262 -5.74 -11.11 -19.63
C VAL B 262 -4.81 -11.00 -20.84
N PHE B 263 -4.53 -12.13 -21.50
CA PHE B 263 -3.67 -12.08 -22.68
C PHE B 263 -4.24 -11.15 -23.76
N LYS B 264 -5.55 -11.27 -24.04
CA LYS B 264 -6.13 -10.50 -25.13
C LYS B 264 -6.02 -9.00 -24.87
N ASP B 265 -6.12 -8.58 -23.61
CA ASP B 265 -6.12 -7.15 -23.29
C ASP B 265 -4.70 -6.61 -23.14
N VAL B 266 -3.85 -7.33 -22.42
CA VAL B 266 -2.59 -6.73 -21.97
C VAL B 266 -1.51 -6.80 -23.05
N CYS B 267 -1.45 -7.88 -23.82
CA CYS B 267 -0.41 -8.00 -24.85
C CYS B 267 -0.39 -6.84 -25.83
N PRO B 268 -1.50 -6.46 -26.48
CA PRO B 268 -1.45 -5.30 -27.40
C PRO B 268 -1.21 -3.98 -26.68
N LEU B 269 -1.71 -3.85 -25.45
CA LEU B 269 -1.42 -2.66 -24.66
C LEU B 269 0.07 -2.53 -24.37
N VAL B 270 0.74 -3.64 -24.07
CA VAL B 270 2.17 -3.58 -23.81
C VAL B 270 2.94 -3.23 -25.09
N ALA B 271 2.62 -3.91 -26.19
CA ALA B 271 3.29 -3.61 -27.47
C ALA B 271 3.07 -2.15 -27.85
N LYS B 272 1.87 -1.63 -27.63
CA LYS B 272 1.56 -0.25 -27.97
C LYS B 272 2.34 0.74 -27.09
N ILE B 273 2.43 0.46 -25.79
CA ILE B 273 3.15 1.38 -24.90
C ILE B 273 4.64 1.38 -25.20
N ILE B 274 5.24 0.20 -25.39
CA ILE B 274 6.68 0.15 -25.65
C ILE B 274 7.03 0.83 -26.96
N ASN B 275 6.25 0.55 -28.01
CA ASN B 275 6.47 1.17 -29.31
C ASN B 275 6.32 2.69 -29.21
N ALA B 276 5.26 3.18 -28.56
CA ALA B 276 5.09 4.62 -28.39
C ALA B 276 6.25 5.25 -27.62
N GLN B 277 6.79 4.53 -26.65
CA GLN B 277 7.91 5.06 -25.88
C GLN B 277 9.18 5.16 -26.72
N LEU B 278 9.47 4.14 -27.53
CA LEU B 278 10.64 4.18 -28.39
C LEU B 278 10.57 5.33 -29.38
N GLU B 279 9.38 5.61 -29.91
CA GLU B 279 9.20 6.76 -30.80
C GLU B 279 9.51 8.07 -30.11
N LYS B 280 8.98 8.26 -28.89
CA LYS B 280 9.17 9.52 -28.19
C LYS B 280 10.63 9.75 -27.86
N MET B 281 11.36 8.70 -27.50
CA MET B 281 12.78 8.82 -27.24
C MET B 281 13.62 8.71 -28.51
N GLN B 282 12.96 8.71 -29.67
CA GLN B 282 13.61 8.64 -30.98
C GLN B 282 14.61 7.48 -31.06
N LEU B 283 14.19 6.32 -30.55
CA LEU B 283 14.93 5.07 -30.64
C LEU B 283 14.15 4.09 -31.49
N THR B 284 14.86 3.13 -32.06
CA THR B 284 14.21 2.01 -32.72
C THR B 284 14.45 0.77 -31.89
N ALA B 285 13.67 -0.28 -32.18
CA ALA B 285 13.88 -1.53 -31.48
C ALA B 285 15.31 -1.99 -31.60
N ASN B 286 15.95 -1.69 -32.73
CA ASN B 286 17.34 -2.07 -32.97
C ASN B 286 18.31 -1.40 -31.99
N ASP B 287 17.92 -0.26 -31.42
CA ASP B 287 18.77 0.42 -30.47
C ASP B 287 18.72 -0.19 -29.07
N ILE B 288 17.81 -1.14 -28.83
CA ILE B 288 17.57 -1.66 -27.49
C ILE B 288 18.37 -2.95 -27.33
N LYS B 289 19.38 -2.91 -26.45
CA LYS B 289 20.22 -4.09 -26.24
C LYS B 289 19.44 -5.19 -25.53
N ARG B 290 18.67 -4.83 -24.50
CA ARG B 290 17.95 -5.82 -23.69
C ARG B 290 16.56 -5.30 -23.35
N PHE B 291 15.55 -6.16 -23.51
CA PHE B 291 14.21 -5.93 -23.02
C PHE B 291 14.02 -6.80 -21.77
N TRP B 292 13.85 -6.16 -20.63
CA TRP B 292 13.55 -6.91 -19.40
C TRP B 292 12.05 -6.80 -19.19
N LEU B 293 11.33 -7.83 -19.60
CA LEU B 293 9.88 -7.82 -19.56
C LEU B 293 9.36 -8.62 -18.38
N HIS B 294 8.12 -8.32 -18.00
CA HIS B 294 7.42 -9.09 -16.98
C HIS B 294 7.68 -10.58 -17.18
N GLN B 295 7.85 -11.29 -16.07
CA GLN B 295 8.34 -12.66 -16.12
C GLN B 295 7.23 -13.60 -15.66
N ALA B 296 6.18 -13.63 -16.45
CA ALA B 296 4.99 -14.43 -16.20
C ALA B 296 4.82 -15.56 -17.20
N ASN B 297 5.08 -15.30 -18.47
CA ASN B 297 4.79 -16.27 -19.51
C ASN B 297 5.74 -16.03 -20.69
N ALA B 298 6.57 -17.04 -20.99
CA ALA B 298 7.62 -16.85 -21.99
C ALA B 298 7.04 -16.73 -23.40
N ASN B 299 5.97 -17.46 -23.70
CA ASN B 299 5.36 -17.37 -25.02
C ASN B 299 4.84 -15.96 -25.29
N MET B 300 4.20 -15.35 -24.30
CA MET B 300 3.69 -14.01 -24.47
C MET B 300 4.80 -12.99 -24.62
N ASN B 301 5.86 -13.11 -23.81
CA ASN B 301 6.99 -12.21 -23.96
C ASN B 301 7.57 -12.28 -25.37
N GLU B 302 7.71 -13.51 -25.91
CA GLU B 302 8.24 -13.67 -27.26
C GLU B 302 7.34 -12.98 -28.28
N LEU B 303 6.03 -13.20 -28.19
CA LEU B 303 5.12 -12.56 -29.13
C LEU B 303 5.15 -11.05 -28.99
N ILE B 304 5.25 -10.53 -27.76
CA ILE B 304 5.38 -9.09 -27.59
C ILE B 304 6.65 -8.58 -28.27
N LEU B 305 7.76 -9.31 -28.12
CA LEU B 305 9.03 -8.86 -28.68
C LEU B 305 9.03 -8.91 -30.20
N LYS B 306 8.26 -9.82 -30.80
CA LYS B 306 8.14 -9.84 -32.25
C LYS B 306 7.32 -8.66 -32.76
N TYR B 307 6.32 -8.21 -32.00
CA TYR B 307 5.53 -7.06 -32.42
C TYR B 307 6.20 -5.73 -32.13
N VAL B 308 7.31 -5.74 -31.42
CA VAL B 308 8.04 -4.53 -31.08
C VAL B 308 9.35 -4.45 -31.86
N ALA B 309 10.12 -5.53 -31.85
CA ALA B 309 11.38 -5.59 -32.57
C ALA B 309 11.15 -5.99 -34.03
N GLY B 310 11.57 -7.19 -34.39
CA GLY B 310 11.38 -7.62 -35.76
C GLY B 310 11.65 -9.11 -35.86
N LYS B 311 11.41 -9.63 -37.07
CA LYS B 311 11.56 -11.06 -37.32
C LYS B 311 12.96 -11.56 -36.97
N ASP B 312 13.98 -10.70 -37.07
CA ASP B 312 15.35 -11.10 -36.84
C ASP B 312 15.83 -10.75 -35.43
N ALA B 313 14.89 -10.53 -34.51
CA ALA B 313 15.22 -10.12 -33.15
C ALA B 313 15.75 -11.31 -32.37
N ASP B 314 17.02 -11.22 -31.96
CA ASP B 314 17.63 -12.24 -31.12
C ASP B 314 16.77 -12.49 -29.89
N LEU B 315 16.45 -13.77 -29.65
CA LEU B 315 15.69 -14.14 -28.46
C LEU B 315 16.45 -13.79 -27.19
N SER B 316 17.78 -13.83 -27.25
CA SER B 316 18.62 -13.40 -26.15
C SER B 316 18.35 -11.96 -25.73
N ARG B 317 17.81 -11.13 -26.63
CA ARG B 317 17.54 -9.75 -26.28
C ARG B 317 16.38 -9.59 -25.29
N ALA B 318 15.64 -10.66 -25.00
CA ALA B 318 14.58 -10.64 -24.00
C ALA B 318 14.85 -11.76 -23.01
N PRO B 319 15.72 -11.52 -22.03
CA PRO B 319 16.08 -12.56 -21.08
C PRO B 319 14.88 -13.13 -20.34
N ILE B 320 14.98 -14.43 -20.05
CA ILE B 320 13.95 -15.19 -19.35
C ILE B 320 14.53 -15.68 -18.02
N ILE B 321 13.82 -15.42 -16.92
CA ILE B 321 14.15 -16.05 -15.64
C ILE B 321 12.97 -16.80 -15.05
N LEU B 322 11.78 -16.70 -15.66
CA LEU B 322 10.59 -17.38 -15.16
C LEU B 322 10.68 -18.90 -15.28
N ASP B 323 11.56 -19.43 -16.13
CA ASP B 323 11.80 -20.87 -16.09
C ASP B 323 12.24 -21.32 -14.69
N GLU B 324 13.02 -20.49 -14.00
CA GLU B 324 13.59 -20.84 -12.69
C GLU B 324 12.75 -20.34 -11.51
N PHE B 325 12.16 -19.14 -11.61
CA PHE B 325 11.43 -18.52 -10.50
C PHE B 325 9.92 -18.61 -10.63
N ALA B 326 9.40 -19.07 -11.77
CA ALA B 326 8.01 -18.84 -12.17
C ALA B 326 7.69 -17.35 -12.13
N ASN B 327 6.39 -17.03 -12.06
CA ASN B 327 5.98 -15.64 -12.05
C ASN B 327 6.16 -15.06 -10.65
N THR B 328 6.84 -13.94 -10.59
CA THR B 328 7.26 -13.36 -9.34
C THR B 328 6.62 -11.98 -9.17
N SER B 329 5.61 -11.70 -9.99
CA SER B 329 4.76 -10.51 -9.91
C SER B 329 5.68 -9.29 -9.99
N SER B 330 5.63 -8.36 -9.04
CA SER B 330 6.37 -7.10 -9.14
C SER B 330 7.89 -7.30 -9.28
N ALA B 331 8.46 -8.34 -8.65
CA ALA B 331 9.92 -8.47 -8.66
C ALA B 331 10.46 -9.01 -9.98
N GLY B 332 9.59 -9.57 -10.83
CA GLY B 332 10.05 -10.28 -12.03
C GLY B 332 11.01 -9.50 -12.89
N VAL B 333 10.66 -8.25 -13.25
CA VAL B 333 11.55 -7.46 -14.10
C VAL B 333 12.87 -7.20 -13.39
N ILE B 334 12.85 -7.10 -12.05
CA ILE B 334 14.08 -6.80 -11.32
C ILE B 334 15.02 -8.02 -11.29
N ILE B 335 14.45 -9.23 -11.19
CA ILE B 335 15.33 -10.41 -11.31
C ILE B 335 16.01 -10.41 -12.67
N ALA B 336 15.26 -10.09 -13.73
CA ALA B 336 15.84 -10.08 -15.07
C ALA B 336 16.96 -9.06 -15.18
N LEU B 337 16.70 -7.84 -14.71
CA LEU B 337 17.71 -6.79 -14.70
C LEU B 337 18.94 -7.22 -13.90
N HIS B 338 18.72 -7.86 -12.75
CA HIS B 338 19.83 -8.27 -11.90
C HIS B 338 20.66 -9.37 -12.54
N ARG B 339 20.00 -10.35 -13.19
CA ARG B 339 20.70 -11.49 -13.76
C ARG B 339 21.41 -11.17 -15.07
N THR B 340 20.94 -10.19 -15.84
CA THR B 340 21.51 -9.93 -17.17
C THR B 340 21.89 -8.49 -17.45
N GLY B 341 21.81 -7.57 -16.48
CA GLY B 341 22.26 -6.20 -16.76
C GLY B 341 23.72 -6.11 -17.16
N HIS B 342 24.55 -7.06 -16.70
CA HIS B 342 25.96 -7.10 -17.06
C HIS B 342 26.17 -7.26 -18.56
N GLU B 343 25.17 -7.78 -19.28
CA GLU B 343 25.24 -7.97 -20.72
C GLU B 343 25.03 -6.68 -21.49
N VAL B 344 24.79 -5.56 -20.81
CA VAL B 344 24.60 -4.28 -21.47
C VAL B 344 25.84 -3.45 -21.25
N ASP B 345 26.42 -2.95 -22.34
CA ASP B 345 27.69 -2.26 -22.28
C ASP B 345 27.47 -0.75 -22.31
N ASP B 346 28.54 -0.01 -22.03
CA ASP B 346 28.44 1.42 -21.89
C ASP B 346 27.78 2.05 -23.11
N GLY B 347 26.79 2.90 -22.84
CA GLY B 347 26.07 3.60 -23.89
C GLY B 347 24.92 2.84 -24.51
N GLU B 348 24.76 1.56 -24.19
CA GLU B 348 23.67 0.78 -24.76
C GLU B 348 22.36 1.03 -24.00
N TYR B 349 21.25 0.66 -24.64
CA TYR B 349 19.93 0.96 -24.12
C TYR B 349 19.19 -0.31 -23.70
N GLY B 350 18.26 -0.12 -22.76
CA GLY B 350 17.41 -1.20 -22.30
C GLY B 350 16.02 -0.69 -22.02
N VAL B 351 15.09 -1.63 -21.91
CA VAL B 351 13.70 -1.31 -21.61
C VAL B 351 13.26 -2.25 -20.50
N ILE B 352 12.71 -1.68 -19.44
CA ILE B 352 12.09 -2.41 -18.34
C ILE B 352 10.60 -2.21 -18.47
N SER B 353 9.85 -3.30 -18.60
CA SER B 353 8.40 -3.20 -18.79
C SER B 353 7.67 -4.26 -17.96
N SER B 354 6.99 -3.83 -16.92
CA SER B 354 6.18 -4.73 -16.10
C SER B 354 4.73 -4.62 -16.57
N PHE B 355 3.96 -5.69 -16.34
CA PHE B 355 2.55 -5.63 -16.73
C PHE B 355 1.79 -6.75 -16.04
N GLY B 356 0.53 -6.47 -15.72
CA GLY B 356 -0.37 -7.47 -15.20
C GLY B 356 -1.54 -6.90 -14.42
N ALA B 357 -1.77 -7.43 -13.22
CA ALA B 357 -3.00 -7.19 -12.47
C ALA B 357 -3.26 -5.71 -12.22
N GLY B 358 -4.54 -5.36 -12.26
CA GLY B 358 -5.03 -4.04 -11.95
C GLY B 358 -5.75 -3.40 -13.10
N TYR B 359 -5.59 -4.01 -14.27
CA TYR B 359 -4.46 -3.79 -15.20
C TYR B 359 -3.49 -2.67 -14.85
N SER B 360 -2.20 -3.04 -14.84
CA SER B 360 -1.13 -2.05 -14.73
C SER B 360 -0.03 -2.36 -15.75
N VAL B 361 0.63 -1.31 -16.21
CA VAL B 361 1.78 -1.43 -17.10
C VAL B 361 2.73 -0.31 -16.72
N GLY B 362 4.00 -0.66 -16.49
CA GLY B 362 5.02 0.36 -16.35
C GLY B 362 6.16 0.08 -17.30
N SER B 363 6.63 1.09 -18.04
CA SER B 363 7.70 0.90 -19.02
C SER B 363 8.74 1.99 -18.90
N ILE B 364 10.01 1.58 -18.86
CA ILE B 364 11.12 2.45 -18.51
C ILE B 364 12.26 2.25 -19.52
N VAL B 365 12.71 3.35 -20.13
CA VAL B 365 13.88 3.33 -21.02
C VAL B 365 15.10 3.75 -20.21
N VAL B 366 16.12 2.88 -20.17
CA VAL B 366 17.36 3.13 -19.44
C VAL B 366 18.53 3.12 -20.42
N GLN B 367 19.68 3.62 -19.95
CA GLN B 367 20.93 3.59 -20.71
C GLN B 367 22.08 3.30 -19.74
N LYS B 368 22.85 2.26 -20.03
CA LYS B 368 23.95 1.86 -19.15
C LYS B 368 25.11 2.85 -19.23
N HIS B 369 25.75 3.08 -18.07
CA HIS B 369 27.00 3.81 -17.96
C HIS B 369 27.96 3.00 -17.10
N VAL B 370 29.24 3.02 -17.44
CA VAL B 370 30.23 2.26 -16.65
C VAL B 370 31.13 3.13 -15.78
C1 GOL C . -3.60 3.09 12.44
O1 GOL C . -4.65 3.40 11.55
C2 GOL C . -2.82 4.38 12.68
O2 GOL C . -3.38 5.39 11.90
C3 GOL C . -2.83 4.75 14.17
O3 GOL C . -1.79 5.67 14.46
C1 GOL D . 5.14 9.70 -16.69
O1 GOL D . 6.08 9.01 -15.91
C2 GOL D . 3.74 9.21 -16.36
O2 GOL D . 3.76 8.65 -15.08
C3 GOL D . 3.32 8.14 -17.33
O3 GOL D . 2.19 8.67 -18.01
C1 GOL E . -1.12 -10.80 -8.64
O1 GOL E . -0.13 -11.13 -7.69
C2 GOL E . -0.49 -10.07 -9.83
O2 GOL E . 0.87 -9.89 -9.55
C3 GOL E . -0.76 -10.81 -11.15
O3 GOL E . -0.48 -10.11 -12.37
N1A COA F . -3.12 -28.59 -17.01
C2A COA F . -3.75 -29.18 -18.06
N3A COA F . -4.68 -28.49 -18.79
C4A COA F . -4.99 -27.19 -18.47
C5A COA F . -4.38 -26.62 -17.43
C6A COA F . -3.42 -27.34 -16.68
N6A COA F . -2.68 -26.89 -15.56
N7A COA F . -4.83 -25.35 -17.30
C8A COA F . -5.74 -25.15 -18.26
N9A COA F . -5.83 -26.28 -18.99
C1B COA F . -6.69 -26.53 -20.11
C2B COA F . -7.71 -25.69 -20.07
O2B COA F . -8.85 -26.27 -19.43
C3B COA F . -8.03 -25.33 -21.54
O3B COA F . -8.91 -26.20 -22.06
P3B COA F . -10.57 -25.79 -21.95
O7A COA F . -11.34 -26.61 -22.97
O8A COA F . -10.75 -24.28 -22.26
O9A COA F . -11.08 -26.08 -20.56
C4B COA F . -6.65 -25.48 -22.27
O4B COA F . -5.91 -26.27 -21.53
C5B COA F . -5.96 -24.14 -22.33
O5B COA F . -6.75 -23.17 -21.69
P1A COA F . -6.16 -21.65 -21.79
O1A COA F . -6.79 -20.75 -20.77
O2A COA F . -6.39 -21.13 -23.18
O3A COA F . -4.53 -21.79 -21.61
P2A COA F . -3.39 -20.64 -22.08
O4A COA F . -2.69 -21.09 -23.35
O5A COA F . -4.04 -19.29 -22.23
O6A COA F . -2.30 -20.60 -20.84
CBP COA F . -1.91 -19.19 -19.00
CCP COA F . -2.78 -20.32 -19.54
CDP COA F . -0.52 -19.70 -18.86
CEP COA F . -2.45 -18.76 -17.66
CAP COA F . -1.97 -18.00 -20.00
OAP COA F . -3.26 -17.77 -20.41
C9P COA F . -1.43 -16.70 -19.33
O9P COA F . -0.25 -16.58 -19.07
N8P COA F . -2.37 -15.58 -19.00
C7P COA F . -1.79 -14.34 -18.34
C6P COA F . -1.30 -13.39 -19.41
C5P COA F . -0.52 -12.24 -18.74
O5P COA F . -0.32 -12.25 -17.56
N4P COA F . -0.03 -11.19 -19.54
C3P COA F . -0.32 -11.26 -20.96
C2P COA F . 1.00 -11.03 -21.76
S1P COA F . 0.43 -10.46 -23.41
#